data_4PU2
#
_entry.id   4PU2
#
_cell.length_a   224.328
_cell.length_b   224.328
_cell.length_c   57.909
_cell.angle_alpha   90.00
_cell.angle_beta   90.00
_cell.angle_gamma   120.00
#
_symmetry.space_group_name_H-M   'H 3'
#
loop_
_entity.id
_entity.type
_entity.pdbx_description
1 polymer 'Aminopeptidase N'
2 non-polymer 'LEUCINE PHOSPHONIC ACID'
3 non-polymer GLYCEROL
4 non-polymer 'ZINC ION'
5 non-polymer 'SULFATE ION'
6 water water
#
_entity_poly.entity_id   1
_entity_poly.type   'polypeptide(L)'
_entity_poly.pdbx_seq_one_letter_code
;(MSE)SKTVHYLKDYQTPAYHILKTDLHFDINEPQTVVKSRLTVEPQRVGEPLVLDGSAKLLSVKINGAAADYVLEGETL
TIAGVPSERFTVEVETEILPAENKSL(MSE)GLYASGGNLFTQCEPEGFRKITFYIDRPDV(MSE)SKFTTTIVADKKRY
PVLLSNGNKIDGGEFSDGRHWVKWEDPFSKPSYLFALVAGDLAVTEDYFTT(MSE)SGRNVKIEFYTTEADKPKVGFAVE
SLKNA(MSE)KWDETRFGLEYDLDIF(MSE)VVAVGDFN(MSE)GA(MSE)ENKGLNIFNTKFVLADSRTATDTDFEGIE
SVVGHEYFHNWTGNRVTCRDWFQLSLKEGLTVFRDQEFSGDRASRAVRRIENIRLLRQHQFPEDAGPTAHPVRPASYEE
(MSE)NNFYT(MSE)TVYEKGAEVVR(MSE)YHTLLGEEGFQKG(MSE)KLYFQRHDGQAVTCDDFRAA(MSE)ADANGI
NLDQFALWYSQAGTPVLEAEGRLKNNIFELTVKQTVPPTPD(MSE)TDKQP(MSE)(MSE)IPVKVGLLNRNGEAVAFDY
QGKRATEAVLLLTEAEQTFLLEGVTEAVVPSLLRGFSAPVHLNYPYSDDDLLLLLAHDSDAFTRWEAAQTLYRRAVAANL
ATLSDGVELPKHEKLLAAVEKVISDDLLDNAFKALLLGVPSEAELWDGAENIDPLRYHQAREALLDTLAVHFLPKWHELN
RQAAKQENQSYEYSPEAAGWRTLRNVCRAFVLRADPAHIETVAEKYGE(MSE)AQN(MSE)THEWGILSAVNGNESDTRN
RLLAQFADKFSDDALV(MSE)DKYFALVGSSRRSDTLQQVRTALQHPKFSLENPNKARSLIGSFSRNVPHFHAEDGSGYR
FIADKVIEIDRFNPQVAARLVQAFNLCNKLEPHRKNLVKQALQRIRAQEGLSKDVGEIVGKILD
;
_entity_poly.pdbx_strand_id   A
#
# COMPACT_ATOMS: atom_id res chain seq x y z
N THR A 4 -13.35 -24.56 1.99
CA THR A 4 -12.66 -24.75 0.72
C THR A 4 -11.42 -23.86 0.64
N VAL A 5 -10.26 -24.50 0.59
CA VAL A 5 -8.97 -23.81 0.53
C VAL A 5 -8.25 -24.11 -0.78
N HIS A 6 -7.63 -23.08 -1.35
CA HIS A 6 -6.88 -23.22 -2.59
C HIS A 6 -5.40 -23.38 -2.27
N TYR A 7 -4.75 -24.36 -2.89
CA TYR A 7 -3.35 -24.65 -2.62
C TYR A 7 -2.50 -24.46 -3.87
N LEU A 8 -1.34 -23.84 -3.69
CA LEU A 8 -0.40 -23.61 -4.77
C LEU A 8 0.09 -24.93 -5.36
N LYS A 9 0.28 -25.92 -4.49
CA LYS A 9 0.79 -27.23 -4.91
C LYS A 9 -0.21 -27.98 -5.78
N ASP A 10 -1.45 -27.48 -5.84
CA ASP A 10 -2.49 -28.12 -6.65
C ASP A 10 -2.66 -27.46 -8.01
N TYR A 11 -1.79 -26.52 -8.35
CA TYR A 11 -1.92 -25.83 -9.64
C TYR A 11 -1.87 -26.81 -10.79
N GLN A 12 -2.71 -26.54 -11.79
CA GLN A 12 -2.78 -27.37 -12.99
C GLN A 12 -3.19 -26.49 -14.16
N THR A 13 -2.53 -26.65 -15.30
CA THR A 13 -2.82 -25.85 -16.47
C THR A 13 -4.28 -26.03 -16.89
N PRO A 14 -4.89 -24.98 -17.47
CA PRO A 14 -6.31 -25.07 -17.81
C PRO A 14 -6.59 -26.07 -18.92
N ALA A 15 -7.70 -26.79 -18.79
CA ALA A 15 -8.11 -27.77 -19.80
C ALA A 15 -8.59 -27.08 -21.07
N TYR A 16 -8.86 -25.78 -20.96
CA TYR A 16 -9.36 -25.01 -22.09
C TYR A 16 -8.73 -23.63 -22.16
N HIS A 17 -8.50 -23.16 -23.39
CA HIS A 17 -8.06 -21.81 -23.63
C HIS A 17 -9.17 -21.02 -24.30
N ILE A 18 -9.25 -19.74 -23.98
CA ILE A 18 -10.16 -18.82 -24.66
C ILE A 18 -9.33 -17.93 -25.58
N LEU A 19 -9.58 -18.03 -26.88
CA LEU A 19 -8.79 -17.32 -27.87
C LEU A 19 -9.36 -15.93 -28.13
N LYS A 20 -10.68 -15.85 -28.21
CA LYS A 20 -11.37 -14.60 -28.49
C LYS A 20 -12.54 -14.41 -27.54
N THR A 21 -12.68 -13.21 -27.02
CA THR A 21 -13.78 -12.86 -26.12
C THR A 21 -14.51 -11.64 -26.67
N ASP A 22 -15.65 -11.88 -27.32
CA ASP A 22 -16.48 -10.81 -27.83
C ASP A 22 -17.58 -10.52 -26.82
N LEU A 23 -17.62 -9.30 -26.31
CA LEU A 23 -18.60 -8.91 -25.31
C LEU A 23 -19.54 -7.84 -25.86
N HIS A 24 -20.81 -7.94 -25.48
CA HIS A 24 -21.82 -6.96 -25.85
C HIS A 24 -22.60 -6.53 -24.61
N PHE A 25 -22.51 -5.24 -24.29
CA PHE A 25 -23.20 -4.69 -23.12
C PHE A 25 -24.42 -3.88 -23.54
N ASP A 26 -25.59 -4.26 -23.02
CA ASP A 26 -26.81 -3.50 -23.23
C ASP A 26 -27.24 -2.83 -21.92
N ILE A 27 -26.94 -1.54 -21.80
CA ILE A 27 -27.19 -0.81 -20.56
C ILE A 27 -28.57 -0.16 -20.56
N ASN A 28 -29.41 -0.57 -19.61
CA ASN A 28 -30.73 0.04 -19.41
C ASN A 28 -30.93 0.34 -17.93
N GLU A 29 -32.11 0.86 -17.61
CA GLU A 29 -32.48 1.10 -16.21
C GLU A 29 -33.53 0.08 -15.78
N PRO A 30 -33.26 -0.68 -14.70
CA PRO A 30 -32.07 -0.70 -13.83
C PRO A 30 -31.03 -1.72 -14.28
N GLN A 31 -31.38 -2.61 -15.19
CA GLN A 31 -30.55 -3.77 -15.51
C GLN A 31 -29.66 -3.56 -16.72
N THR A 32 -28.52 -4.24 -16.71
CA THR A 32 -27.61 -4.31 -17.85
C THR A 32 -27.54 -5.77 -18.32
N VAL A 33 -27.69 -5.98 -19.62
CA VAL A 33 -27.65 -7.32 -20.20
C VAL A 33 -26.33 -7.53 -20.92
N VAL A 34 -25.61 -8.58 -20.53
CA VAL A 34 -24.32 -8.89 -21.11
C VAL A 34 -24.42 -10.13 -21.99
N LYS A 35 -24.07 -9.97 -23.26
CA LYS A 35 -24.01 -11.09 -24.20
C LYS A 35 -22.58 -11.32 -24.63
N SER A 36 -22.09 -12.53 -24.38
CA SER A 36 -20.71 -12.88 -24.70
C SER A 36 -20.63 -13.89 -25.83
N ARG A 37 -19.49 -13.90 -26.52
CA ARG A 37 -19.19 -14.96 -27.48
C ARG A 37 -17.72 -15.34 -27.35
N LEU A 38 -17.47 -16.52 -26.79
CA LEU A 38 -16.12 -16.98 -26.53
C LEU A 38 -15.68 -17.99 -27.58
N THR A 39 -14.48 -17.83 -28.10
CA THR A 39 -13.86 -18.85 -28.96
C THR A 39 -12.98 -19.75 -28.10
N VAL A 40 -13.45 -20.96 -27.85
CA VAL A 40 -12.79 -21.87 -26.91
C VAL A 40 -11.97 -22.92 -27.65
N GLU A 41 -10.72 -23.10 -27.23
CA GLU A 41 -9.84 -24.11 -27.80
C GLU A 41 -9.47 -25.16 -26.76
N PRO A 42 -9.88 -26.43 -26.97
CA PRO A 42 -9.50 -27.49 -26.05
C PRO A 42 -7.99 -27.67 -25.90
N GLN A 43 -7.55 -27.83 -24.65
CA GLN A 43 -6.15 -28.15 -24.35
C GLN A 43 -6.07 -29.62 -23.95
N ARG A 44 -7.04 -30.05 -23.15
CA ARG A 44 -7.20 -31.45 -22.80
C ARG A 44 -8.58 -31.90 -23.26
N VAL A 45 -8.62 -32.48 -24.46
CA VAL A 45 -9.87 -32.90 -25.09
C VAL A 45 -10.64 -33.88 -24.20
N GLY A 46 -11.96 -33.72 -24.18
CA GLY A 46 -12.83 -34.63 -23.46
C GLY A 46 -13.27 -34.12 -22.09
N GLU A 47 -12.48 -33.24 -21.49
CA GLU A 47 -12.82 -32.73 -20.17
C GLU A 47 -14.06 -31.84 -20.22
N PRO A 48 -14.79 -31.75 -19.09
CA PRO A 48 -15.95 -30.86 -19.07
C PRO A 48 -15.53 -29.40 -19.04
N LEU A 49 -16.31 -28.54 -19.68
CA LEU A 49 -16.05 -27.11 -19.67
C LEU A 49 -16.62 -26.50 -18.39
N VAL A 50 -15.74 -25.94 -17.57
CA VAL A 50 -16.15 -25.32 -16.31
C VAL A 50 -15.98 -23.82 -16.39
N LEU A 51 -17.08 -23.10 -16.17
CA LEU A 51 -17.08 -21.64 -16.20
C LEU A 51 -17.45 -21.07 -14.83
N ASP A 52 -16.64 -20.13 -14.36
CA ASP A 52 -16.95 -19.44 -13.11
C ASP A 52 -17.95 -18.32 -13.39
N GLY A 53 -18.94 -18.16 -12.52
CA GLY A 53 -19.90 -17.10 -12.69
C GLY A 53 -20.92 -17.00 -11.57
N SER A 54 -21.34 -15.77 -11.27
CA SER A 54 -22.30 -15.53 -10.19
C SER A 54 -23.40 -14.55 -10.60
N ALA A 55 -23.38 -14.12 -11.86
CA ALA A 55 -24.43 -13.24 -12.37
C ALA A 55 -25.66 -14.04 -12.74
N LYS A 56 -26.81 -13.37 -12.83
CA LYS A 56 -28.05 -14.02 -13.23
C LYS A 56 -27.89 -14.58 -14.65
N LEU A 57 -28.02 -15.89 -14.78
CA LEU A 57 -27.85 -16.56 -16.07
C LEU A 57 -29.17 -16.60 -16.83
N LEU A 58 -29.20 -16.02 -18.02
CA LEU A 58 -30.40 -15.98 -18.84
C LEU A 58 -30.41 -17.10 -19.88
N SER A 59 -29.26 -17.33 -20.51
CA SER A 59 -29.12 -18.41 -21.48
C SER A 59 -27.66 -18.72 -21.76
N VAL A 60 -27.40 -19.94 -22.25
CA VAL A 60 -26.07 -20.36 -22.65
C VAL A 60 -26.16 -21.30 -23.85
N LYS A 61 -25.26 -21.10 -24.81
CA LYS A 61 -25.26 -21.90 -26.04
C LYS A 61 -23.87 -22.44 -26.37
N ILE A 62 -23.84 -23.55 -27.08
CA ILE A 62 -22.64 -24.07 -27.70
C ILE A 62 -22.88 -24.10 -29.21
N ASN A 63 -22.14 -23.27 -29.95
CA ASN A 63 -22.30 -23.18 -31.39
C ASN A 63 -23.74 -22.86 -31.80
N GLY A 64 -24.30 -21.83 -31.19
CA GLY A 64 -25.62 -21.35 -31.56
C GLY A 64 -26.78 -22.18 -31.02
N ALA A 65 -26.48 -23.39 -30.56
CA ALA A 65 -27.51 -24.29 -30.03
C ALA A 65 -27.54 -24.23 -28.51
N ALA A 66 -28.74 -24.29 -27.94
CA ALA A 66 -28.91 -24.31 -26.50
C ALA A 66 -28.11 -25.45 -25.89
N ALA A 67 -27.31 -25.14 -24.89
CA ALA A 67 -26.37 -26.09 -24.33
C ALA A 67 -26.98 -26.93 -23.22
N ASP A 68 -26.56 -28.19 -23.14
CA ASP A 68 -26.88 -29.05 -22.01
C ASP A 68 -25.87 -28.77 -20.91
N TYR A 69 -26.35 -28.27 -19.77
CA TYR A 69 -25.46 -27.81 -18.72
C TYR A 69 -26.09 -27.99 -17.34
N VAL A 70 -25.29 -27.74 -16.32
CA VAL A 70 -25.79 -27.65 -14.95
C VAL A 70 -25.12 -26.49 -14.24
N LEU A 71 -25.93 -25.67 -13.57
CA LEU A 71 -25.43 -24.55 -12.79
C LEU A 71 -25.49 -24.92 -11.32
N GLU A 72 -24.35 -24.86 -10.65
CA GLU A 72 -24.27 -25.16 -9.22
C GLU A 72 -23.30 -24.21 -8.53
N GLY A 73 -23.76 -23.58 -7.47
CA GLY A 73 -22.99 -22.56 -6.79
C GLY A 73 -22.66 -21.45 -7.77
N GLU A 74 -21.38 -21.12 -7.87
CA GLU A 74 -20.91 -20.13 -8.83
C GLU A 74 -20.12 -20.80 -9.94
N THR A 75 -20.55 -22.01 -10.30
CA THR A 75 -19.88 -22.79 -11.33
C THR A 75 -20.87 -23.32 -12.37
N LEU A 76 -20.53 -23.10 -13.64
CA LEU A 76 -21.34 -23.57 -14.77
C LEU A 76 -20.60 -24.65 -15.53
N THR A 77 -21.19 -25.83 -15.62
CA THR A 77 -20.53 -26.99 -16.23
C THR A 77 -21.26 -27.47 -17.48
N ILE A 78 -20.49 -27.70 -18.55
CA ILE A 78 -20.99 -28.28 -19.78
C ILE A 78 -20.19 -29.53 -20.10
N ALA A 79 -20.82 -30.70 -19.94
CA ALA A 79 -20.13 -31.98 -20.03
C ALA A 79 -19.64 -32.28 -21.43
N GLY A 80 -20.58 -32.33 -22.38
CA GLY A 80 -20.27 -32.70 -23.74
C GLY A 80 -19.98 -31.49 -24.62
N VAL A 81 -18.70 -31.20 -24.80
CA VAL A 81 -18.26 -30.13 -25.69
C VAL A 81 -17.39 -30.70 -26.81
N PRO A 82 -17.47 -30.11 -28.01
CA PRO A 82 -16.68 -30.57 -29.15
C PRO A 82 -15.18 -30.71 -28.86
N SER A 83 -14.51 -31.54 -29.65
CA SER A 83 -13.09 -31.82 -29.48
C SER A 83 -12.23 -30.80 -30.23
N GLU A 84 -12.86 -29.98 -31.06
CA GLU A 84 -12.18 -28.92 -31.80
C GLU A 84 -12.72 -27.57 -31.34
N ARG A 85 -12.23 -26.49 -31.95
CA ARG A 85 -12.68 -25.14 -31.62
C ARG A 85 -14.19 -25.02 -31.67
N PHE A 86 -14.75 -24.34 -30.67
CA PHE A 86 -16.18 -24.08 -30.63
C PHE A 86 -16.47 -22.74 -30.00
N THR A 87 -17.70 -22.26 -30.17
CA THR A 87 -18.12 -21.01 -29.57
C THR A 87 -19.02 -21.28 -28.37
N VAL A 88 -18.85 -20.46 -27.33
CA VAL A 88 -19.77 -20.43 -26.21
C VAL A 88 -20.41 -19.06 -26.17
N GLU A 89 -21.72 -19.02 -26.02
CA GLU A 89 -22.45 -17.76 -25.93
C GLU A 89 -23.25 -17.71 -24.64
N VAL A 90 -22.82 -16.87 -23.72
CA VAL A 90 -23.50 -16.71 -22.43
C VAL A 90 -24.22 -15.37 -22.38
N GLU A 91 -25.45 -15.40 -21.88
CA GLU A 91 -26.24 -14.19 -21.69
C GLU A 91 -26.57 -14.03 -20.22
N THR A 92 -26.12 -12.92 -19.63
CA THR A 92 -26.34 -12.66 -18.21
C THR A 92 -26.99 -11.30 -17.99
N GLU A 93 -27.54 -11.11 -16.79
CA GLU A 93 -28.17 -9.85 -16.41
C GLU A 93 -27.60 -9.36 -15.09
N ILE A 94 -27.34 -8.06 -15.03
CA ILE A 94 -26.71 -7.44 -13.87
C ILE A 94 -27.54 -6.25 -13.41
N LEU A 95 -27.54 -5.99 -12.12
CA LEU A 95 -28.19 -4.82 -11.55
C LEU A 95 -27.16 -3.96 -10.84
N PRO A 96 -26.39 -3.16 -11.61
CA PRO A 96 -25.21 -2.45 -11.10
C PRO A 96 -25.47 -1.60 -9.86
N ALA A 97 -26.67 -1.03 -9.76
CA ALA A 97 -26.98 -0.12 -8.65
C ALA A 97 -27.11 -0.87 -7.33
N GLU A 98 -27.31 -2.18 -7.41
CA GLU A 98 -27.43 -3.00 -6.21
C GLU A 98 -26.08 -3.56 -5.76
N ASN A 99 -25.07 -3.40 -6.61
CA ASN A 99 -23.74 -3.90 -6.32
C ASN A 99 -22.97 -2.97 -5.37
N LYS A 100 -23.01 -3.28 -4.08
CA LYS A 100 -22.34 -2.47 -3.07
C LYS A 100 -20.95 -2.99 -2.75
N SER A 101 -20.60 -4.16 -3.27
CA SER A 101 -19.29 -4.75 -3.03
C SER A 101 -18.20 -4.03 -3.82
N LEU A 102 -18.62 -3.26 -4.82
CA LEU A 102 -17.71 -2.52 -5.69
C LEU A 102 -16.76 -3.48 -6.41
N GLY A 104 -16.92 -6.32 -9.75
CA GLY A 104 -17.72 -6.57 -10.93
C GLY A 104 -18.21 -5.26 -11.52
N LEU A 105 -19.42 -5.25 -12.07
CA LEU A 105 -20.01 -4.04 -12.63
C LEU A 105 -20.88 -3.36 -11.58
N TYR A 106 -20.61 -2.09 -11.28
CA TYR A 106 -21.36 -1.39 -10.24
C TYR A 106 -21.55 0.08 -10.58
N ALA A 107 -22.51 0.70 -9.89
CA ALA A 107 -22.83 2.11 -10.09
C ALA A 107 -22.11 3.01 -9.10
N SER A 108 -21.82 4.23 -9.53
CA SER A 108 -21.18 5.22 -8.68
C SER A 108 -21.39 6.61 -9.26
N GLY A 109 -22.00 7.50 -8.47
CA GLY A 109 -22.27 8.85 -8.92
C GLY A 109 -23.11 8.90 -10.19
N GLY A 110 -23.99 7.92 -10.34
CA GLY A 110 -24.86 7.85 -11.51
C GLY A 110 -24.18 7.25 -12.72
N ASN A 111 -22.92 6.86 -12.58
CA ASN A 111 -22.15 6.26 -13.67
C ASN A 111 -21.86 4.80 -13.36
N LEU A 112 -21.39 4.07 -14.38
CA LEU A 112 -21.05 2.67 -14.24
C LEU A 112 -19.55 2.45 -14.36
N PHE A 113 -19.00 1.64 -13.46
CA PHE A 113 -17.59 1.29 -13.46
C PHE A 113 -17.43 -0.21 -13.23
N THR A 114 -16.22 -0.71 -13.48
CA THR A 114 -15.91 -2.10 -13.22
C THR A 114 -14.66 -2.26 -12.36
N GLN A 115 -14.63 -3.32 -11.56
CA GLN A 115 -13.42 -3.76 -10.89
C GLN A 115 -13.37 -5.28 -10.96
N CYS A 116 -12.36 -5.81 -11.63
CA CYS A 116 -12.31 -7.23 -11.93
C CYS A 116 -11.22 -8.00 -11.19
N GLU A 117 -10.13 -7.33 -10.83
CA GLU A 117 -9.06 -8.02 -10.11
C GLU A 117 -9.46 -8.22 -8.65
N PRO A 118 -9.25 -9.43 -8.11
CA PRO A 118 -8.72 -10.63 -8.77
C PRO A 118 -9.77 -11.43 -9.55
N GLU A 119 -10.97 -11.56 -9.00
CA GLU A 119 -11.98 -12.46 -9.56
C GLU A 119 -13.37 -11.82 -9.63
N GLY A 120 -13.42 -10.60 -10.16
CA GLY A 120 -14.66 -9.87 -10.28
C GLY A 120 -15.33 -10.03 -11.63
N PHE A 121 -14.59 -10.51 -12.63
CA PHE A 121 -15.14 -10.65 -13.98
C PHE A 121 -16.24 -11.71 -14.03
N ARG A 122 -16.12 -12.73 -13.18
CA ARG A 122 -17.11 -13.79 -13.12
C ARG A 122 -18.46 -13.24 -12.62
N LYS A 123 -18.43 -12.06 -12.03
CA LYS A 123 -19.66 -11.40 -11.57
C LYS A 123 -20.32 -10.61 -12.70
N ILE A 124 -19.68 -10.60 -13.87
CA ILE A 124 -20.23 -9.92 -15.04
C ILE A 124 -20.76 -10.94 -16.04
N THR A 125 -19.96 -11.98 -16.29
CA THR A 125 -20.35 -13.06 -17.19
C THR A 125 -19.72 -14.38 -16.73
N PHE A 126 -20.13 -15.48 -17.34
CA PHE A 126 -19.53 -16.78 -17.04
C PHE A 126 -18.27 -16.93 -17.88
N TYR A 127 -17.18 -17.30 -17.22
CA TYR A 127 -15.87 -17.25 -17.84
C TYR A 127 -14.89 -18.16 -17.11
N ILE A 128 -13.80 -18.53 -17.78
CA ILE A 128 -12.69 -19.20 -17.11
C ILE A 128 -11.86 -18.11 -16.45
N ASP A 129 -12.30 -17.70 -15.26
CA ASP A 129 -11.82 -16.47 -14.63
C ASP A 129 -10.55 -16.71 -13.83
N ARG A 130 -9.44 -16.89 -14.55
CA ARG A 130 -8.14 -17.11 -13.94
C ARG A 130 -7.06 -16.52 -14.84
N PRO A 131 -5.98 -15.99 -14.25
CA PRO A 131 -5.06 -15.14 -15.01
C PRO A 131 -4.13 -15.86 -15.98
N ASP A 132 -4.12 -17.20 -16.00
CA ASP A 132 -3.32 -17.92 -16.98
C ASP A 132 -4.13 -18.21 -18.24
N VAL A 133 -5.39 -17.81 -18.24
CA VAL A 133 -6.24 -17.87 -19.42
C VAL A 133 -6.32 -16.48 -20.05
N SER A 135 -7.03 -13.96 -23.34
CA SER A 135 -7.87 -13.88 -24.53
C SER A 135 -7.84 -12.47 -25.12
N LYS A 136 -8.18 -12.39 -26.41
CA LYS A 136 -8.24 -11.11 -27.09
C LYS A 136 -9.67 -10.56 -27.08
N PHE A 137 -9.85 -9.42 -26.44
CA PHE A 137 -11.17 -8.86 -26.17
C PHE A 137 -11.64 -7.86 -27.22
N THR A 138 -12.90 -7.98 -27.62
CA THR A 138 -13.60 -6.95 -28.38
C THR A 138 -14.91 -6.64 -27.66
N THR A 139 -15.07 -5.38 -27.25
CA THR A 139 -16.19 -4.99 -26.39
C THR A 139 -17.13 -3.99 -27.07
N THR A 140 -18.39 -4.39 -27.22
CA THR A 140 -19.43 -3.52 -27.75
C THR A 140 -20.32 -3.05 -26.61
N ILE A 141 -20.68 -1.76 -26.62
CA ILE A 141 -21.47 -1.18 -25.55
C ILE A 141 -22.61 -0.34 -26.13
N VAL A 142 -23.83 -0.61 -25.68
CA VAL A 142 -25.01 0.14 -26.11
C VAL A 142 -25.68 0.78 -24.89
N ALA A 143 -26.00 2.07 -25.00
CA ALA A 143 -26.61 2.78 -23.90
C ALA A 143 -27.26 4.08 -24.38
N ASP A 144 -28.11 4.64 -23.53
CA ASP A 144 -28.71 5.95 -23.80
C ASP A 144 -27.62 7.01 -23.89
N LYS A 145 -27.67 7.83 -24.93
CA LYS A 145 -26.60 8.77 -25.21
C LYS A 145 -26.56 9.92 -24.21
N LYS A 146 -27.72 10.44 -23.86
CA LYS A 146 -27.80 11.56 -22.94
C LYS A 146 -27.30 11.18 -21.55
N ARG A 147 -27.70 10.00 -21.08
CA ARG A 147 -27.31 9.53 -19.76
C ARG A 147 -25.89 8.97 -19.74
N TYR A 148 -25.51 8.27 -20.80
CA TYR A 148 -24.21 7.62 -20.89
C TYR A 148 -23.44 8.03 -22.14
N PRO A 149 -23.11 9.33 -22.26
CA PRO A 149 -22.42 9.84 -23.45
C PRO A 149 -21.02 9.26 -23.64
N VAL A 150 -20.38 8.85 -22.54
CA VAL A 150 -19.04 8.29 -22.56
C VAL A 150 -19.10 6.80 -22.33
N LEU A 151 -18.59 6.02 -23.30
CA LEU A 151 -18.60 4.57 -23.23
C LEU A 151 -17.21 4.02 -23.52
N LEU A 152 -16.56 3.49 -22.49
CA LEU A 152 -15.16 3.10 -22.58
C LEU A 152 -14.93 1.63 -22.31
N SER A 153 -13.91 1.08 -22.96
CA SER A 153 -13.40 -0.25 -22.64
C SER A 153 -11.93 -0.31 -23.07
N ASN A 154 -11.29 -1.46 -22.87
CA ASN A 154 -9.86 -1.59 -23.16
C ASN A 154 -9.56 -1.44 -24.66
N GLY A 155 -8.50 -0.70 -24.97
CA GLY A 155 -7.92 -0.71 -26.31
C GLY A 155 -8.33 0.43 -27.22
N ASN A 156 -8.55 0.09 -28.48
CA ASN A 156 -8.87 1.09 -29.52
C ASN A 156 -10.35 1.09 -29.87
N LYS A 157 -10.95 2.27 -29.90
CA LYS A 157 -12.30 2.43 -30.42
C LYS A 157 -12.25 2.30 -31.94
N ILE A 158 -12.84 1.23 -32.46
CA ILE A 158 -12.77 0.94 -33.90
C ILE A 158 -14.10 1.17 -34.60
N ASP A 159 -15.18 1.35 -33.85
CA ASP A 159 -16.49 1.56 -34.46
C ASP A 159 -17.48 2.15 -33.46
N GLY A 160 -18.60 2.63 -33.98
CA GLY A 160 -19.63 3.23 -33.15
C GLY A 160 -20.69 3.87 -34.03
N GLY A 161 -21.82 4.26 -33.43
CA GLY A 161 -22.90 4.84 -34.19
C GLY A 161 -24.08 5.27 -33.33
N GLU A 162 -25.16 5.70 -33.99
CA GLU A 162 -26.34 6.22 -33.32
C GLU A 162 -27.58 5.42 -33.71
N PHE A 163 -28.52 5.30 -32.78
CA PHE A 163 -29.82 4.70 -33.05
C PHE A 163 -30.91 5.77 -32.96
N SER A 164 -32.01 5.53 -33.66
CA SER A 164 -33.08 6.53 -33.78
C SER A 164 -33.72 6.88 -32.44
N ASP A 165 -33.66 5.93 -31.49
CA ASP A 165 -34.40 6.05 -30.24
C ASP A 165 -33.62 6.74 -29.12
N GLY A 166 -32.44 7.28 -29.43
CA GLY A 166 -31.66 8.04 -28.47
C GLY A 166 -30.44 7.27 -27.96
N ARG A 167 -30.39 5.98 -28.24
CA ARG A 167 -29.23 5.18 -27.87
C ARG A 167 -28.09 5.40 -28.86
N HIS A 168 -26.87 5.12 -28.42
CA HIS A 168 -25.71 5.10 -29.30
C HIS A 168 -24.81 3.96 -28.84
N TRP A 169 -23.86 3.57 -29.67
CA TRP A 169 -22.99 2.45 -29.37
C TRP A 169 -21.54 2.70 -29.73
N VAL A 170 -20.65 1.92 -29.14
CA VAL A 170 -19.23 1.97 -29.43
C VAL A 170 -18.65 0.56 -29.44
N LYS A 171 -17.50 0.40 -30.09
CA LYS A 171 -16.84 -0.88 -30.19
C LYS A 171 -15.35 -0.74 -29.92
N TRP A 172 -14.89 -1.40 -28.87
CA TRP A 172 -13.48 -1.33 -28.46
C TRP A 172 -12.76 -2.63 -28.74
N GLU A 173 -11.56 -2.53 -29.29
CA GLU A 173 -10.75 -3.69 -29.63
C GLU A 173 -9.38 -3.60 -28.96
N ASP A 174 -9.14 -4.51 -28.01
CA ASP A 174 -7.85 -4.63 -27.35
C ASP A 174 -7.04 -5.73 -28.04
N PRO A 175 -6.02 -5.36 -28.82
CA PRO A 175 -5.32 -6.37 -29.61
C PRO A 175 -4.38 -7.26 -28.81
N PHE A 176 -4.12 -6.91 -27.55
CA PHE A 176 -3.23 -7.69 -26.70
C PHE A 176 -4.00 -8.70 -25.88
N SER A 177 -3.62 -9.97 -26.00
CA SER A 177 -4.20 -11.03 -25.19
C SER A 177 -4.03 -10.70 -23.71
N LYS A 178 -5.10 -10.86 -22.94
CA LYS A 178 -5.04 -10.54 -21.52
C LYS A 178 -5.94 -11.45 -20.70
N PRO A 179 -5.60 -11.62 -19.41
CA PRO A 179 -6.49 -12.33 -18.49
C PRO A 179 -7.71 -11.49 -18.17
N SER A 180 -8.76 -12.12 -17.65
CA SER A 180 -10.03 -11.44 -17.42
C SER A 180 -9.93 -10.31 -16.40
N TYR A 181 -8.98 -10.41 -15.47
CA TYR A 181 -8.92 -9.44 -14.38
C TYR A 181 -8.49 -8.06 -14.84
N LEU A 182 -7.96 -7.97 -16.06
CA LEU A 182 -7.55 -6.69 -16.63
C LEU A 182 -8.63 -6.06 -17.51
N PHE A 183 -9.79 -6.71 -17.60
CA PHE A 183 -10.91 -6.13 -18.32
C PHE A 183 -11.46 -4.92 -17.56
N ALA A 184 -11.93 -3.92 -18.30
CA ALA A 184 -12.59 -2.78 -17.69
C ALA A 184 -13.66 -2.20 -18.60
N LEU A 185 -14.69 -1.65 -17.99
CA LEU A 185 -15.74 -0.94 -18.70
C LEU A 185 -16.15 0.28 -17.89
N VAL A 186 -16.39 1.38 -18.58
CA VAL A 186 -16.91 2.59 -17.95
C VAL A 186 -18.01 3.16 -18.83
N ALA A 187 -19.12 3.53 -18.19
CA ALA A 187 -20.24 4.14 -18.89
C ALA A 187 -20.82 5.23 -18.01
N GLY A 188 -20.94 6.43 -18.55
CA GLY A 188 -21.49 7.53 -17.77
C GLY A 188 -21.31 8.88 -18.40
N ASP A 189 -21.68 9.91 -17.64
CA ASP A 189 -21.51 11.29 -18.04
C ASP A 189 -20.27 11.85 -17.36
N LEU A 190 -19.16 11.89 -18.09
CA LEU A 190 -17.87 12.28 -17.55
C LEU A 190 -17.19 13.33 -18.42
N ALA A 191 -16.48 14.26 -17.78
CA ALA A 191 -15.70 15.26 -18.49
C ALA A 191 -14.31 14.69 -18.80
N VAL A 192 -13.72 15.10 -19.91
CA VAL A 192 -12.41 14.56 -20.32
C VAL A 192 -11.34 15.64 -20.34
N THR A 193 -10.14 15.26 -19.89
CA THR A 193 -8.96 16.09 -20.00
C THR A 193 -8.00 15.43 -20.97
N GLU A 194 -7.58 16.17 -21.99
CA GLU A 194 -6.77 15.60 -23.06
C GLU A 194 -5.33 16.13 -23.04
N ASP A 195 -4.40 15.25 -23.41
CA ASP A 195 -2.99 15.60 -23.52
C ASP A 195 -2.34 14.51 -24.36
N TYR A 196 -1.01 14.50 -24.42
CA TYR A 196 -0.33 13.43 -25.14
C TYR A 196 1.14 13.31 -24.76
N PHE A 197 1.70 12.15 -25.09
CA PHE A 197 3.10 11.85 -24.89
C PHE A 197 3.65 11.20 -26.15
N THR A 198 4.81 11.65 -26.60
CA THR A 198 5.45 11.06 -27.78
C THR A 198 6.54 10.09 -27.33
N THR A 199 6.41 8.84 -27.74
CA THR A 199 7.34 7.79 -27.33
C THR A 199 8.73 7.99 -27.93
N SER A 201 10.23 6.32 -29.91
CA SER A 201 10.25 5.94 -31.32
C SER A 201 9.36 6.86 -32.17
N GLY A 202 8.95 7.99 -31.59
CA GLY A 202 8.24 9.02 -32.35
C GLY A 202 6.75 8.81 -32.51
N ARG A 203 6.18 7.92 -31.70
CA ARG A 203 4.74 7.67 -31.76
C ARG A 203 3.97 8.46 -30.71
N ASN A 204 3.02 9.27 -31.16
CA ASN A 204 2.13 9.97 -30.24
C ASN A 204 1.22 9.00 -29.50
N VAL A 205 1.07 9.25 -28.20
CA VAL A 205 0.11 8.52 -27.37
C VAL A 205 -0.91 9.50 -26.80
N LYS A 206 -2.16 9.35 -27.23
CA LYS A 206 -3.24 10.20 -26.74
C LYS A 206 -3.56 9.87 -25.30
N ILE A 207 -3.54 10.89 -24.44
CA ILE A 207 -3.85 10.73 -23.03
C ILE A 207 -5.21 11.35 -22.74
N GLU A 208 -6.08 10.58 -22.09
CA GLU A 208 -7.41 11.04 -21.74
C GLU A 208 -7.75 10.71 -20.29
N PHE A 209 -7.92 11.74 -19.47
CA PHE A 209 -8.35 11.58 -18.09
C PHE A 209 -9.82 11.89 -17.96
N TYR A 210 -10.59 10.95 -17.39
CA TYR A 210 -12.02 11.12 -17.23
C TYR A 210 -12.39 11.33 -15.77
N THR A 211 -13.13 12.41 -15.51
CA THR A 211 -13.55 12.79 -14.17
C THR A 211 -14.93 13.42 -14.25
N THR A 212 -15.50 13.78 -13.09
CA THR A 212 -16.71 14.58 -13.09
C THR A 212 -16.38 15.99 -13.56
N GLU A 213 -17.41 16.70 -14.03
CA GLU A 213 -17.26 18.07 -14.51
C GLU A 213 -16.55 18.95 -13.48
N ALA A 214 -16.90 18.75 -12.21
CA ALA A 214 -16.40 19.60 -11.13
C ALA A 214 -14.97 19.24 -10.70
N ASP A 215 -14.60 17.98 -10.87
CA ASP A 215 -13.28 17.50 -10.43
C ASP A 215 -12.18 17.72 -11.47
N LYS A 216 -12.57 18.07 -12.68
CA LYS A 216 -11.64 18.17 -13.80
C LYS A 216 -10.46 19.12 -13.52
N PRO A 217 -10.73 20.30 -12.92
CA PRO A 217 -9.62 21.22 -12.62
C PRO A 217 -8.54 20.66 -11.69
N LYS A 218 -8.81 19.54 -11.02
CA LYS A 218 -7.89 18.99 -10.03
C LYS A 218 -7.05 17.83 -10.58
N VAL A 219 -7.16 17.56 -11.88
CA VAL A 219 -6.53 16.38 -12.47
C VAL A 219 -5.20 16.72 -13.16
N GLY A 220 -4.82 17.99 -13.16
CA GLY A 220 -3.64 18.44 -13.87
C GLY A 220 -2.33 17.79 -13.43
N PHE A 221 -2.12 17.66 -12.13
CA PHE A 221 -0.88 17.10 -11.61
C PHE A 221 -0.74 15.62 -11.97
N ALA A 222 -1.87 14.92 -12.00
CA ALA A 222 -1.88 13.50 -12.35
C ALA A 222 -1.46 13.27 -13.80
N VAL A 223 -1.90 14.15 -14.69
CA VAL A 223 -1.53 14.06 -16.09
C VAL A 223 -0.03 14.25 -16.28
N GLU A 224 0.54 15.23 -15.58
CA GLU A 224 1.98 15.48 -15.67
C GLU A 224 2.77 14.32 -15.09
N SER A 225 2.27 13.73 -14.01
CA SER A 225 2.93 12.60 -13.39
C SER A 225 2.96 11.40 -14.32
N LEU A 226 1.88 11.20 -15.06
CA LEU A 226 1.83 10.11 -16.04
C LEU A 226 2.92 10.30 -17.10
N LYS A 227 3.00 11.51 -17.63
CA LYS A 227 3.96 11.81 -18.69
C LYS A 227 5.38 11.70 -18.19
N ASN A 228 5.60 12.02 -16.92
CA ASN A 228 6.89 11.80 -16.28
C ASN A 228 7.17 10.31 -16.13
N ALA A 229 6.14 9.55 -15.76
CA ALA A 229 6.26 8.10 -15.60
C ALA A 229 6.56 7.41 -16.93
N LYS A 231 8.08 8.77 -19.57
CA LYS A 231 9.45 9.11 -19.92
C LYS A 231 10.46 8.31 -19.10
N TRP A 232 10.20 8.20 -17.81
CA TRP A 232 11.10 7.52 -16.89
C TRP A 232 11.24 6.03 -17.22
N ASP A 233 10.14 5.38 -17.58
CA ASP A 233 10.18 3.96 -17.88
C ASP A 233 11.00 3.70 -19.14
N GLU A 234 11.02 4.69 -20.04
CA GLU A 234 11.85 4.62 -21.22
C GLU A 234 13.33 4.78 -20.86
N THR A 235 13.64 5.81 -20.09
CA THR A 235 15.03 6.14 -19.79
C THR A 235 15.67 5.18 -18.79
N ARG A 236 14.91 4.72 -17.81
CA ARG A 236 15.46 3.88 -16.76
C ARG A 236 15.43 2.40 -17.12
N PHE A 237 14.35 1.96 -17.78
CA PHE A 237 14.13 0.54 -18.06
C PHE A 237 14.10 0.20 -19.54
N GLY A 238 14.06 1.22 -20.41
CA GLY A 238 13.99 0.99 -21.83
C GLY A 238 12.65 0.45 -22.26
N LEU A 239 11.60 0.81 -21.52
CA LEU A 239 10.26 0.28 -21.78
C LEU A 239 9.36 1.33 -22.42
N GLU A 240 8.73 0.94 -23.52
CA GLU A 240 7.91 1.83 -24.32
C GLU A 240 6.43 1.42 -24.24
N TYR A 241 5.54 2.39 -24.21
CA TYR A 241 4.10 2.11 -24.25
C TYR A 241 3.74 1.50 -25.60
N ASP A 242 2.65 0.71 -25.64
CA ASP A 242 2.35 -0.14 -26.79
C ASP A 242 0.96 0.11 -27.42
N LEU A 243 0.31 1.20 -27.03
CA LEU A 243 -0.92 1.65 -27.68
C LEU A 243 -0.81 3.15 -27.99
N ASP A 244 -1.70 3.65 -28.85
CA ASP A 244 -1.71 5.08 -29.17
C ASP A 244 -2.74 5.82 -28.31
N ILE A 245 -3.25 5.14 -27.29
CA ILE A 245 -4.23 5.71 -26.37
C ILE A 245 -4.00 5.19 -24.96
N PHE A 246 -4.04 6.10 -23.99
CA PHE A 246 -3.98 5.73 -22.58
C PHE A 246 -5.03 6.51 -21.82
N VAL A 248 -7.39 7.18 -18.26
CA VAL A 248 -7.49 7.12 -16.81
C VAL A 248 -8.86 7.63 -16.38
N VAL A 249 -9.53 6.88 -15.51
CA VAL A 249 -10.86 7.26 -15.04
C VAL A 249 -10.87 7.36 -13.52
N ALA A 250 -11.37 8.49 -13.02
CA ALA A 250 -11.49 8.72 -11.59
C ALA A 250 -12.86 8.25 -11.10
N VAL A 251 -12.88 7.57 -9.97
CA VAL A 251 -14.14 7.11 -9.36
C VAL A 251 -14.06 7.24 -7.84
N GLY A 252 -15.13 7.78 -7.25
CA GLY A 252 -15.16 8.08 -5.83
C GLY A 252 -15.49 6.88 -4.96
N ASP A 253 -16.14 5.87 -5.53
CA ASP A 253 -16.39 4.62 -4.84
C ASP A 253 -15.46 3.54 -5.36
N PHE A 254 -14.43 3.22 -4.58
CA PHE A 254 -13.40 2.28 -5.02
C PHE A 254 -12.71 1.64 -3.82
N ASN A 255 -12.60 0.30 -3.86
CA ASN A 255 -12.05 -0.46 -2.75
C ASN A 255 -10.55 -0.28 -2.56
N GLY A 257 -6.66 1.57 -4.35
CA GLY A 257 -6.12 2.85 -4.75
C GLY A 257 -6.32 3.11 -6.23
N ALA A 258 -5.94 2.14 -7.05
CA ALA A 258 -6.08 2.27 -8.49
C ALA A 258 -5.96 0.89 -9.14
N GLU A 260 -4.84 -1.29 -12.84
CA GLU A 260 -4.02 -1.19 -14.03
C GLU A 260 -4.62 -1.79 -15.29
N ASN A 261 -5.94 -1.72 -15.44
CA ASN A 261 -6.59 -2.29 -16.62
C ASN A 261 -5.97 -1.73 -17.88
N LYS A 262 -5.67 -2.61 -18.84
CA LYS A 262 -4.90 -2.25 -20.03
C LYS A 262 -5.48 -1.07 -20.79
N GLY A 263 -4.74 0.04 -20.81
CA GLY A 263 -5.12 1.21 -21.56
C GLY A 263 -6.33 1.94 -21.01
N LEU A 264 -6.83 1.47 -19.87
CA LEU A 264 -8.00 2.08 -19.24
C LEU A 264 -7.91 1.93 -17.73
N ASN A 265 -6.95 2.63 -17.13
CA ASN A 265 -6.76 2.57 -15.68
C ASN A 265 -7.92 3.22 -14.97
N ILE A 266 -8.36 2.62 -13.86
CA ILE A 266 -9.41 3.19 -13.03
C ILE A 266 -8.82 3.54 -11.66
N PHE A 267 -8.95 4.81 -11.29
CA PHE A 267 -8.29 5.36 -10.11
C PHE A 267 -9.29 5.78 -9.04
N ASN A 268 -8.98 5.43 -7.80
CA ASN A 268 -9.60 6.07 -6.65
C ASN A 268 -9.30 7.56 -6.75
N THR A 269 -10.31 8.40 -6.55
CA THR A 269 -10.15 9.84 -6.70
C THR A 269 -9.00 10.38 -5.87
N LYS A 270 -8.73 9.74 -4.75
CA LYS A 270 -7.73 10.24 -3.82
C LYS A 270 -6.32 10.17 -4.40
N PHE A 271 -6.15 9.34 -5.43
CA PHE A 271 -4.84 9.16 -6.06
C PHE A 271 -4.81 9.72 -7.48
N VAL A 272 -5.66 10.71 -7.75
CA VAL A 272 -5.65 11.36 -9.05
C VAL A 272 -6.05 12.84 -9.01
N LEU A 273 -6.79 13.24 -7.98
CA LEU A 273 -7.25 14.63 -7.84
C LEU A 273 -6.46 15.39 -6.79
N ALA A 274 -6.03 16.60 -7.14
CA ALA A 274 -5.31 17.47 -6.20
C ALA A 274 -5.17 18.90 -6.71
N ASP A 275 -5.31 19.85 -5.79
CA ASP A 275 -4.78 21.19 -5.96
C ASP A 275 -4.26 21.63 -4.60
N SER A 276 -3.47 22.71 -4.57
CA SER A 276 -2.86 23.16 -3.33
C SER A 276 -3.92 23.50 -2.29
N ARG A 277 -5.08 23.97 -2.74
CA ARG A 277 -6.13 24.40 -1.84
C ARG A 277 -6.77 23.24 -1.07
N THR A 278 -6.81 22.05 -1.67
CA THR A 278 -7.58 20.94 -1.12
C THR A 278 -6.76 19.67 -0.85
N ALA A 279 -5.50 19.66 -1.26
CA ALA A 279 -4.65 18.48 -1.12
C ALA A 279 -3.32 18.80 -0.46
N THR A 280 -2.85 17.89 0.39
CA THR A 280 -1.56 18.04 1.04
C THR A 280 -0.42 17.70 0.10
N ASP A 281 0.79 18.08 0.47
CA ASP A 281 1.98 17.68 -0.28
C ASP A 281 2.05 16.15 -0.35
N THR A 282 1.66 15.50 0.73
CA THR A 282 1.66 14.05 0.79
C THR A 282 0.67 13.47 -0.22
N ASP A 283 -0.49 14.12 -0.38
CA ASP A 283 -1.45 13.70 -1.39
C ASP A 283 -0.85 13.79 -2.78
N PHE A 284 -0.13 14.88 -3.05
CA PHE A 284 0.53 15.05 -4.34
C PHE A 284 1.54 13.94 -4.59
N GLU A 285 2.36 13.65 -3.58
CA GLU A 285 3.36 12.60 -3.71
C GLU A 285 2.68 11.25 -3.90
N GLY A 286 1.50 11.08 -3.30
CA GLY A 286 0.72 9.87 -3.46
C GLY A 286 0.24 9.70 -4.88
N ILE A 287 -0.25 10.78 -5.48
CA ILE A 287 -0.69 10.75 -6.87
C ILE A 287 0.45 10.36 -7.79
N GLU A 288 1.61 10.96 -7.57
CA GLU A 288 2.79 10.71 -8.39
C GLU A 288 3.20 9.24 -8.31
N SER A 289 3.20 8.68 -7.11
CA SER A 289 3.59 7.29 -6.90
C SER A 289 2.60 6.33 -7.54
N VAL A 290 1.31 6.57 -7.34
CA VAL A 290 0.28 5.64 -7.80
C VAL A 290 0.08 5.71 -9.31
N VAL A 291 0.04 6.93 -9.87
CA VAL A 291 -0.07 7.08 -11.32
C VAL A 291 1.09 6.35 -11.99
N GLY A 292 2.29 6.54 -11.45
CA GLY A 292 3.46 5.82 -11.92
C GLY A 292 3.27 4.32 -11.78
N HIS A 293 2.90 3.89 -10.58
CA HIS A 293 2.66 2.48 -10.29
C HIS A 293 1.76 1.83 -11.32
N GLU A 294 0.59 2.40 -11.56
CA GLU A 294 -0.36 1.81 -12.48
C GLU A 294 0.18 1.78 -13.91
N TYR A 295 0.95 2.79 -14.29
CA TYR A 295 1.52 2.80 -15.64
C TYR A 295 2.60 1.74 -15.78
N PHE A 296 3.37 1.53 -14.72
CA PHE A 296 4.47 0.58 -14.75
C PHE A 296 3.94 -0.85 -14.84
N HIS A 297 2.71 -1.06 -14.40
CA HIS A 297 2.06 -2.37 -14.52
C HIS A 297 1.89 -2.81 -15.96
N ASN A 298 1.90 -1.86 -16.90
CA ASN A 298 1.67 -2.17 -18.31
C ASN A 298 2.65 -3.20 -18.84
N TRP A 299 3.88 -3.18 -18.30
CA TRP A 299 4.87 -4.19 -18.61
C TRP A 299 4.98 -5.21 -17.48
N THR A 300 5.15 -4.73 -16.25
CA THR A 300 5.28 -5.61 -15.10
C THR A 300 3.89 -5.91 -14.51
N GLY A 301 3.10 -6.68 -15.25
CA GLY A 301 1.76 -7.03 -14.83
C GLY A 301 0.86 -7.38 -15.99
N ASN A 302 0.91 -6.58 -17.06
CA ASN A 302 0.01 -6.75 -18.19
C ASN A 302 0.66 -7.49 -19.36
N ARG A 303 1.79 -6.98 -19.84
CA ARG A 303 2.52 -7.65 -20.91
C ARG A 303 3.06 -8.98 -20.42
N VAL A 304 3.55 -8.98 -19.18
CA VAL A 304 3.86 -10.20 -18.45
C VAL A 304 2.98 -10.27 -17.20
N THR A 305 2.16 -11.30 -17.09
CA THR A 305 1.16 -11.40 -16.04
C THR A 305 1.42 -12.60 -15.12
N CYS A 306 0.47 -12.90 -14.24
CA CYS A 306 0.64 -13.94 -13.24
C CYS A 306 -0.01 -15.26 -13.64
N ARG A 307 0.71 -16.36 -13.47
CA ARG A 307 0.19 -17.68 -13.76
C ARG A 307 -1.01 -17.99 -12.87
N ASP A 308 -0.88 -17.61 -11.60
CA ASP A 308 -1.94 -17.81 -10.62
C ASP A 308 -1.82 -16.72 -9.57
N TRP A 309 -2.78 -16.64 -8.67
CA TRP A 309 -2.81 -15.52 -7.72
C TRP A 309 -1.84 -15.68 -6.57
N PHE A 310 -1.28 -16.88 -6.39
CA PHE A 310 -0.22 -17.05 -5.41
C PHE A 310 1.01 -16.24 -5.84
N GLN A 311 1.11 -15.96 -7.13
CA GLN A 311 2.25 -15.22 -7.69
C GLN A 311 2.03 -13.71 -7.68
N LEU A 312 1.04 -13.24 -6.91
CA LEU A 312 0.64 -11.83 -6.96
C LEU A 312 1.81 -10.86 -6.82
N SER A 313 2.75 -11.20 -5.95
CA SER A 313 3.90 -10.33 -5.68
C SER A 313 4.79 -10.17 -6.91
N LEU A 314 4.68 -11.11 -7.85
CA LEU A 314 5.45 -11.05 -9.08
C LEU A 314 5.26 -9.72 -9.80
N LYS A 315 4.01 -9.26 -9.86
CA LYS A 315 3.69 -7.99 -10.51
C LYS A 315 3.58 -6.86 -9.50
N GLU A 316 3.19 -7.17 -8.26
CA GLU A 316 3.00 -6.14 -7.25
C GLU A 316 4.30 -5.76 -6.53
N GLY A 317 5.10 -6.73 -6.14
CA GLY A 317 6.38 -6.44 -5.53
C GLY A 317 7.29 -5.73 -6.50
N LEU A 318 7.27 -6.18 -7.75
CA LEU A 318 8.12 -5.61 -8.79
C LEU A 318 7.68 -4.20 -9.17
N THR A 319 6.36 -3.98 -9.21
CA THR A 319 5.82 -2.70 -9.63
C THR A 319 5.95 -1.65 -8.51
N VAL A 320 5.83 -2.09 -7.27
CA VAL A 320 6.04 -1.19 -6.14
C VAL A 320 7.50 -0.74 -6.14
N PHE A 321 8.41 -1.68 -6.37
CA PHE A 321 9.83 -1.35 -6.45
C PHE A 321 10.07 -0.30 -7.52
N ARG A 322 9.32 -0.41 -8.62
CA ARG A 322 9.48 0.50 -9.73
C ARG A 322 8.94 1.90 -9.42
N ASP A 323 7.78 1.98 -8.76
CA ASP A 323 7.23 3.29 -8.45
C ASP A 323 8.06 3.95 -7.35
N GLN A 324 8.70 3.15 -6.52
CA GLN A 324 9.62 3.68 -5.50
C GLN A 324 10.84 4.30 -6.15
N GLU A 325 11.42 3.59 -7.12
CA GLU A 325 12.58 4.08 -7.84
C GLU A 325 12.22 5.28 -8.70
N PHE A 326 11.00 5.29 -9.20
CA PHE A 326 10.48 6.41 -9.96
C PHE A 326 10.44 7.66 -9.07
N SER A 327 9.80 7.53 -7.90
CA SER A 327 9.69 8.65 -6.97
C SER A 327 11.07 9.09 -6.47
N GLY A 328 11.94 8.12 -6.23
CA GLY A 328 13.28 8.42 -5.74
C GLY A 328 14.11 9.16 -6.76
N ASP A 329 13.94 8.81 -8.03
CA ASP A 329 14.65 9.46 -9.12
C ASP A 329 14.13 10.88 -9.34
N ARG A 330 12.87 11.10 -9.00
CA ARG A 330 12.25 12.42 -9.15
C ARG A 330 12.85 13.41 -8.14
N ALA A 331 12.85 13.02 -6.87
CA ALA A 331 13.31 13.90 -5.81
C ALA A 331 13.52 13.15 -4.50
N SER A 332 14.39 13.68 -3.65
CA SER A 332 14.54 13.26 -2.25
C SER A 332 14.59 11.74 -2.07
N ARG A 333 15.55 11.08 -2.73
CA ARG A 333 15.63 9.62 -2.67
C ARG A 333 15.81 9.09 -1.26
N ALA A 334 16.76 9.68 -0.53
CA ALA A 334 17.07 9.23 0.82
C ALA A 334 15.86 9.36 1.74
N VAL A 335 15.29 10.56 1.80
CA VAL A 335 14.12 10.82 2.64
C VAL A 335 12.98 9.86 2.30
N ARG A 336 12.79 9.58 1.03
CA ARG A 336 11.70 8.74 0.59
C ARG A 336 11.99 7.26 0.83
N ARG A 337 13.27 6.90 0.86
CA ARG A 337 13.66 5.55 1.21
C ARG A 337 13.29 5.28 2.67
N ILE A 338 13.59 6.24 3.55
CA ILE A 338 13.24 6.12 4.96
C ILE A 338 11.73 5.96 5.14
N GLU A 339 10.96 6.74 4.40
CA GLU A 339 9.51 6.66 4.46
C GLU A 339 9.02 5.25 4.13
N ASN A 340 9.55 4.69 3.05
CA ASN A 340 9.21 3.33 2.65
C ASN A 340 9.61 2.31 3.70
N ILE A 341 10.78 2.50 4.29
CA ILE A 341 11.26 1.62 5.36
C ILE A 341 10.38 1.76 6.58
N ARG A 342 10.01 2.99 6.92
CA ARG A 342 9.16 3.25 8.08
C ARG A 342 7.80 2.58 7.91
N LEU A 343 7.23 2.71 6.71
CA LEU A 343 5.94 2.09 6.41
C LEU A 343 6.03 0.58 6.61
N LEU A 344 7.11 -0.02 6.12
CA LEU A 344 7.29 -1.47 6.23
C LEU A 344 7.33 -1.91 7.68
N ARG A 345 8.15 -1.25 8.48
CA ARG A 345 8.36 -1.65 9.87
C ARG A 345 7.15 -1.36 10.75
N GLN A 346 6.32 -0.39 10.33
CA GLN A 346 5.16 0.01 11.12
C GLN A 346 3.90 -0.78 10.78
N HIS A 347 3.86 -1.42 9.61
CA HIS A 347 2.67 -2.14 9.16
C HIS A 347 2.94 -3.55 8.66
N GLN A 348 4.08 -3.77 8.03
CA GLN A 348 4.39 -5.10 7.50
C GLN A 348 4.99 -5.99 8.59
N PHE A 349 5.88 -5.43 9.39
CA PHE A 349 6.50 -6.19 10.47
C PHE A 349 5.45 -6.72 11.46
N PRO A 350 4.50 -5.87 11.88
CA PRO A 350 3.40 -6.35 12.71
C PRO A 350 2.62 -7.50 12.07
N GLU A 351 2.46 -7.44 10.75
CA GLU A 351 1.76 -8.49 10.02
C GLU A 351 2.55 -9.80 10.06
N ASP A 352 3.86 -9.70 9.84
CA ASP A 352 4.73 -10.88 9.84
C ASP A 352 4.82 -11.50 11.22
N ALA A 353 4.56 -10.70 12.25
CA ALA A 353 4.64 -11.16 13.63
C ALA A 353 3.30 -11.66 14.15
N GLY A 354 2.25 -11.47 13.36
CA GLY A 354 0.90 -11.74 13.80
C GLY A 354 0.29 -13.02 13.25
N PRO A 355 -0.99 -13.27 13.58
CA PRO A 355 -1.69 -14.50 13.22
C PRO A 355 -1.99 -14.64 11.72
N THR A 356 -1.91 -13.53 10.98
CA THR A 356 -2.20 -13.55 9.55
C THR A 356 -0.93 -13.55 8.71
N ALA A 357 0.21 -13.76 9.36
CA ALA A 357 1.49 -13.77 8.67
C ALA A 357 1.49 -14.78 7.53
N HIS A 358 2.12 -14.42 6.41
CA HIS A 358 2.21 -15.28 5.25
C HIS A 358 3.48 -14.98 4.47
N PRO A 359 3.92 -15.92 3.63
CA PRO A 359 5.09 -15.62 2.79
C PRO A 359 4.74 -14.68 1.65
N VAL A 360 5.77 -14.08 1.03
CA VAL A 360 5.55 -13.16 -0.08
C VAL A 360 4.78 -13.88 -1.20
N ARG A 361 5.03 -15.18 -1.34
CA ARG A 361 4.25 -16.04 -2.22
C ARG A 361 3.51 -17.08 -1.36
N PRO A 362 2.24 -16.82 -1.02
CA PRO A 362 1.51 -17.76 -0.17
C PRO A 362 1.39 -19.16 -0.78
N ALA A 363 1.29 -20.16 0.09
CA ALA A 363 1.10 -21.54 -0.36
C ALA A 363 -0.39 -21.88 -0.39
N SER A 364 -1.21 -21.09 0.30
CA SER A 364 -2.65 -21.32 0.32
C SER A 364 -3.45 -20.07 0.69
N TYR A 365 -4.70 -20.04 0.25
CA TYR A 365 -5.63 -18.97 0.61
C TYR A 365 -7.07 -19.45 0.46
N GLU A 366 -7.97 -18.89 1.27
CA GLU A 366 -9.40 -19.15 1.12
C GLU A 366 -10.01 -18.10 0.20
N GLU A 367 -9.76 -16.83 0.56
CA GLU A 367 -10.20 -15.70 -0.25
C GLU A 367 -8.99 -14.86 -0.66
N ASN A 369 -8.66 -12.00 -1.99
CA ASN A 369 -8.72 -10.58 -1.68
C ASN A 369 -8.07 -10.23 -0.34
N ASN A 370 -7.88 -11.24 0.50
CA ASN A 370 -7.24 -11.04 1.80
C ASN A 370 -5.72 -10.95 1.72
N PHE A 371 -5.17 -11.15 0.53
CA PHE A 371 -3.71 -11.24 0.38
C PHE A 371 -3.13 -10.14 -0.50
N TYR A 372 -3.87 -9.05 -0.65
CA TYR A 372 -3.32 -7.81 -1.19
C TYR A 372 -2.78 -7.01 -0.02
N THR A 373 -1.66 -7.50 0.52
CA THR A 373 -1.17 -7.08 1.83
C THR A 373 0.15 -6.33 1.77
N THR A 375 2.71 -7.38 3.05
CA THR A 375 3.70 -8.41 2.81
C THR A 375 3.94 -8.61 1.32
N VAL A 376 2.87 -8.85 0.57
CA VAL A 376 2.98 -9.07 -0.87
C VAL A 376 3.50 -7.83 -1.59
N TYR A 377 3.11 -6.65 -1.11
CA TYR A 377 3.48 -5.40 -1.77
C TYR A 377 4.83 -4.85 -1.32
N GLU A 378 4.92 -4.46 -0.05
CA GLU A 378 6.08 -3.74 0.45
C GLU A 378 7.28 -4.67 0.73
N LYS A 379 7.05 -5.79 1.40
CA LYS A 379 8.13 -6.76 1.59
C LYS A 379 8.50 -7.33 0.23
N GLY A 380 7.50 -7.50 -0.63
CA GLY A 380 7.72 -7.94 -2.00
C GLY A 380 8.67 -7.01 -2.73
N ALA A 381 8.50 -5.71 -2.52
CA ALA A 381 9.38 -4.72 -3.13
C ALA A 381 10.80 -4.85 -2.58
N GLU A 382 10.90 -5.07 -1.27
CA GLU A 382 12.20 -5.21 -0.61
C GLU A 382 12.94 -6.44 -1.13
N VAL A 383 12.18 -7.47 -1.52
CA VAL A 383 12.78 -8.67 -2.09
C VAL A 383 13.35 -8.36 -3.46
N VAL A 384 12.57 -7.67 -4.28
CA VAL A 384 13.03 -7.26 -5.60
C VAL A 384 14.21 -6.32 -5.50
N ARG A 385 14.19 -5.45 -4.49
CA ARG A 385 15.28 -4.50 -4.28
C ARG A 385 16.58 -5.20 -3.90
N TYR A 387 17.59 -8.06 -5.22
CA TYR A 387 18.19 -8.43 -6.50
C TYR A 387 19.09 -7.28 -6.96
N HIS A 388 18.54 -6.08 -6.90
CA HIS A 388 19.24 -4.87 -7.31
C HIS A 388 20.51 -4.65 -6.49
N THR A 389 20.40 -4.93 -5.19
CA THR A 389 21.55 -4.81 -4.30
C THR A 389 22.62 -5.86 -4.61
N LEU A 390 22.20 -7.08 -4.88
CA LEU A 390 23.12 -8.17 -5.16
C LEU A 390 23.81 -8.05 -6.53
N LEU A 391 23.13 -7.42 -7.48
CA LEU A 391 23.56 -7.44 -8.88
C LEU A 391 23.97 -6.07 -9.41
N GLY A 392 23.52 -5.01 -8.74
CA GLY A 392 23.76 -3.67 -9.24
C GLY A 392 22.76 -3.32 -10.31
N GLU A 393 22.70 -2.05 -10.69
CA GLU A 393 21.72 -1.58 -11.67
C GLU A 393 21.83 -2.32 -13.01
N GLU A 394 23.03 -2.36 -13.57
CA GLU A 394 23.24 -2.96 -14.87
C GLU A 394 22.87 -4.44 -14.87
N GLY A 395 23.31 -5.16 -13.83
CA GLY A 395 22.98 -6.56 -13.70
C GLY A 395 21.48 -6.78 -13.52
N PHE A 396 20.84 -5.85 -12.82
CA PHE A 396 19.40 -5.91 -12.61
C PHE A 396 18.66 -5.72 -13.93
N GLN A 397 19.11 -4.77 -14.73
CA GLN A 397 18.48 -4.47 -16.01
C GLN A 397 18.69 -5.60 -17.02
N LYS A 398 19.79 -6.33 -16.87
CA LYS A 398 20.04 -7.50 -17.70
C LYS A 398 18.99 -8.57 -17.40
N GLY A 399 18.62 -8.68 -16.13
CA GLY A 399 17.59 -9.61 -15.71
C GLY A 399 16.24 -9.20 -16.27
N LYS A 401 15.66 -7.50 -18.93
CA LYS A 401 15.68 -7.75 -20.37
C LYS A 401 15.34 -9.21 -20.68
N LEU A 402 16.04 -10.13 -20.03
CA LEU A 402 15.81 -11.55 -20.24
C LEU A 402 14.43 -11.99 -19.76
N TYR A 403 13.93 -11.33 -18.72
CA TYR A 403 12.60 -11.57 -18.19
C TYR A 403 11.55 -11.35 -19.27
N PHE A 404 11.65 -10.20 -19.94
CA PHE A 404 10.69 -9.84 -20.99
C PHE A 404 10.94 -10.65 -22.27
N GLN A 405 12.20 -10.93 -22.57
CA GLN A 405 12.54 -11.75 -23.73
C GLN A 405 11.86 -13.11 -23.64
N ARG A 406 11.90 -13.71 -22.47
CA ARG A 406 11.35 -15.05 -22.25
C ARG A 406 9.83 -15.07 -22.15
N HIS A 407 9.26 -14.10 -21.45
CA HIS A 407 7.91 -14.23 -20.93
C HIS A 407 6.92 -13.17 -21.40
N ASP A 408 7.29 -12.38 -22.40
CA ASP A 408 6.35 -11.42 -22.97
C ASP A 408 5.11 -12.14 -23.50
N GLY A 409 3.95 -11.75 -22.99
CA GLY A 409 2.69 -12.36 -23.40
C GLY A 409 2.39 -13.67 -22.67
N GLN A 410 3.12 -13.92 -21.58
CA GLN A 410 2.91 -15.13 -20.79
C GLN A 410 2.44 -14.81 -19.37
N ALA A 411 1.85 -15.83 -18.74
CA ALA A 411 1.47 -15.77 -17.34
C ALA A 411 2.41 -16.66 -16.53
N VAL A 412 3.30 -16.05 -15.76
CA VAL A 412 4.43 -16.76 -15.17
C VAL A 412 4.46 -16.66 -13.64
N THR A 413 5.57 -17.11 -13.04
CA THR A 413 5.68 -17.22 -11.59
C THR A 413 6.88 -16.46 -11.04
N CYS A 414 6.93 -16.33 -9.72
CA CYS A 414 8.06 -15.69 -9.04
C CYS A 414 9.36 -16.44 -9.33
N ASP A 415 9.26 -17.75 -9.52
CA ASP A 415 10.43 -18.57 -9.84
C ASP A 415 10.99 -18.16 -11.19
N ASP A 416 10.12 -17.83 -12.14
CA ASP A 416 10.54 -17.43 -13.47
C ASP A 416 11.27 -16.10 -13.45
N PHE A 417 10.86 -15.21 -12.54
CA PHE A 417 11.52 -13.92 -12.39
C PHE A 417 12.91 -14.11 -11.79
N ARG A 418 13.00 -14.99 -10.81
CA ARG A 418 14.25 -15.27 -10.14
C ARG A 418 15.25 -15.92 -11.10
N ALA A 419 14.75 -16.84 -11.93
CA ALA A 419 15.58 -17.53 -12.91
C ALA A 419 16.17 -16.53 -13.90
N ALA A 420 15.36 -15.54 -14.29
CA ALA A 420 15.79 -14.53 -15.24
C ALA A 420 16.94 -13.70 -14.67
N ALA A 422 18.89 -14.71 -12.30
CA ALA A 422 19.99 -15.65 -12.11
C ALA A 422 20.72 -15.93 -13.42
N ASP A 423 19.96 -16.32 -14.44
CA ASP A 423 20.53 -16.73 -15.71
C ASP A 423 21.18 -15.57 -16.46
N ALA A 424 20.56 -14.40 -16.40
CA ALA A 424 21.05 -13.23 -17.11
C ALA A 424 22.42 -12.78 -16.59
N ASN A 425 22.71 -13.13 -15.34
CA ASN A 425 23.97 -12.75 -14.70
C ASN A 425 24.86 -13.95 -14.38
N GLY A 426 24.42 -15.14 -14.76
CA GLY A 426 25.21 -16.35 -14.57
C GLY A 426 25.56 -16.60 -13.11
N ILE A 427 24.56 -16.46 -12.24
CA ILE A 427 24.75 -16.59 -10.80
C ILE A 427 23.67 -17.51 -10.23
N ASN A 428 24.00 -18.21 -9.14
CA ASN A 428 23.06 -19.11 -8.48
C ASN A 428 22.26 -18.35 -7.42
N LEU A 429 20.93 -18.39 -7.56
CA LEU A 429 20.03 -17.75 -6.62
C LEU A 429 19.02 -18.74 -6.04
N ASP A 430 19.43 -20.01 -5.94
CA ASP A 430 18.57 -21.05 -5.39
C ASP A 430 18.12 -20.73 -3.97
N GLN A 431 19.06 -20.26 -3.14
CA GLN A 431 18.75 -19.94 -1.75
C GLN A 431 17.84 -18.73 -1.65
N PHE A 432 17.91 -17.85 -2.64
CA PHE A 432 17.11 -16.63 -2.62
C PHE A 432 15.61 -16.95 -2.69
N ALA A 433 15.29 -18.15 -3.18
CA ALA A 433 13.90 -18.57 -3.32
C ALA A 433 13.16 -18.53 -1.98
N LEU A 434 13.90 -18.66 -0.88
CA LEU A 434 13.30 -18.72 0.44
C LEU A 434 12.62 -17.40 0.82
N TRP A 435 13.03 -16.31 0.17
CA TRP A 435 12.39 -15.02 0.41
C TRP A 435 10.95 -15.02 -0.06
N TYR A 436 10.60 -15.98 -0.91
CA TYR A 436 9.24 -16.09 -1.43
C TYR A 436 8.39 -17.08 -0.65
N SER A 437 9.04 -18.06 -0.02
CA SER A 437 8.33 -19.19 0.59
C SER A 437 8.33 -19.15 2.12
N GLN A 438 9.33 -18.51 2.72
CA GLN A 438 9.43 -18.44 4.17
C GLN A 438 8.94 -17.10 4.73
N ALA A 439 7.89 -17.17 5.54
CA ALA A 439 7.33 -15.99 6.18
C ALA A 439 8.11 -15.63 7.44
N GLY A 440 7.82 -14.46 8.01
CA GLY A 440 8.44 -14.03 9.24
C GLY A 440 9.60 -13.07 9.01
N THR A 441 9.83 -12.20 9.98
CA THR A 441 10.93 -11.25 9.92
C THR A 441 12.21 -11.89 10.45
N PRO A 442 13.24 -12.02 9.60
CA PRO A 442 14.48 -12.60 10.13
C PRO A 442 15.12 -11.71 11.19
N VAL A 443 15.73 -12.32 12.20
CA VAL A 443 16.40 -11.60 13.27
C VAL A 443 17.91 -11.83 13.21
N LEU A 444 18.66 -10.74 13.12
CA LEU A 444 20.12 -10.80 13.04
C LEU A 444 20.77 -10.40 14.36
N GLU A 445 21.50 -11.34 14.96
CA GLU A 445 22.30 -11.07 16.15
C GLU A 445 23.74 -10.84 15.72
N ALA A 446 24.24 -9.62 15.94
CA ALA A 446 25.56 -9.23 15.47
C ALA A 446 26.51 -8.89 16.63
N GLU A 447 27.76 -9.34 16.49
CA GLU A 447 28.80 -9.08 17.48
C GLU A 447 30.05 -8.56 16.76
N GLY A 448 30.67 -7.54 17.34
CA GLY A 448 31.87 -6.94 16.75
C GLY A 448 33.08 -7.06 17.66
N ARG A 449 34.23 -7.35 17.06
CA ARG A 449 35.47 -7.56 17.81
C ARG A 449 36.68 -7.11 16.99
N LEU A 450 37.47 -6.19 17.54
CA LEU A 450 38.70 -5.76 16.89
C LEU A 450 39.92 -6.39 17.57
N LYS A 451 40.43 -7.47 16.98
CA LYS A 451 41.64 -8.14 17.47
C LYS A 451 42.69 -8.10 16.36
N ASN A 452 43.96 -8.09 16.76
CA ASN A 452 45.03 -7.74 15.84
C ASN A 452 44.66 -6.40 15.20
N ASN A 453 44.62 -6.34 13.86
CA ASN A 453 44.13 -5.16 13.17
C ASN A 453 43.01 -5.55 12.20
N ILE A 454 42.11 -6.40 12.70
CA ILE A 454 40.97 -6.85 11.91
C ILE A 454 39.68 -6.69 12.71
N PHE A 455 38.71 -5.99 12.14
CA PHE A 455 37.39 -5.90 12.76
C PHE A 455 36.62 -7.17 12.41
N GLU A 456 36.33 -7.97 13.43
CA GLU A 456 35.71 -9.27 13.28
C GLU A 456 34.22 -9.19 13.60
N LEU A 457 33.39 -9.22 12.56
CA LEU A 457 31.94 -9.09 12.70
C LEU A 457 31.24 -10.44 12.58
N THR A 458 30.78 -10.97 13.71
CA THR A 458 29.99 -12.20 13.71
C THR A 458 28.52 -11.85 13.54
N VAL A 459 27.82 -12.63 12.72
CA VAL A 459 26.40 -12.43 12.49
C VAL A 459 25.68 -13.76 12.44
N LYS A 460 24.67 -13.93 13.29
CA LYS A 460 23.79 -15.09 13.21
C LYS A 460 22.38 -14.67 12.86
N GLN A 461 21.73 -15.45 12.00
CA GLN A 461 20.35 -15.21 11.61
C GLN A 461 19.43 -16.28 12.18
N THR A 462 18.21 -15.87 12.49
CA THR A 462 17.18 -16.80 12.91
C THR A 462 15.83 -16.32 12.36
N VAL A 463 15.03 -17.25 11.86
CA VAL A 463 13.73 -16.92 11.32
C VAL A 463 12.67 -17.63 12.16
N PRO A 464 11.78 -16.85 12.81
CA PRO A 464 10.82 -17.48 13.72
C PRO A 464 9.80 -18.35 12.99
N PRO A 465 9.25 -19.35 13.69
CA PRO A 465 8.10 -20.07 13.12
C PRO A 465 6.93 -19.14 12.88
N THR A 466 6.13 -19.45 11.87
CA THR A 466 4.89 -18.72 11.60
C THR A 466 3.76 -19.74 11.52
N PRO A 467 2.51 -19.28 11.62
CA PRO A 467 1.36 -20.22 11.65
C PRO A 467 1.30 -21.17 10.45
N ASP A 468 1.99 -20.83 9.37
CA ASP A 468 1.96 -21.64 8.16
C ASP A 468 3.12 -22.62 8.09
N THR A 470 6.78 -24.07 10.47
CA THR A 470 7.69 -24.07 11.61
C THR A 470 9.14 -24.06 11.14
N ASP A 471 9.47 -24.96 10.21
CA ASP A 471 10.83 -25.06 9.71
C ASP A 471 11.23 -23.85 8.88
N LYS A 472 12.33 -23.20 9.27
CA LYS A 472 12.88 -22.08 8.52
C LYS A 472 14.38 -22.26 8.35
N GLN A 473 14.84 -22.29 7.11
CA GLN A 473 16.25 -22.47 6.82
C GLN A 473 16.95 -21.13 6.69
N PRO A 474 18.28 -21.12 6.88
CA PRO A 474 19.03 -19.87 6.72
C PRO A 474 18.82 -19.26 5.34
N ILE A 477 21.02 -13.08 2.90
CA ILE A 477 20.78 -11.77 3.50
C ILE A 477 21.95 -10.81 3.27
N PRO A 478 21.78 -9.83 2.36
CA PRO A 478 22.85 -8.84 2.17
C PRO A 478 22.90 -7.81 3.29
N VAL A 479 24.05 -7.71 3.95
CA VAL A 479 24.26 -6.72 5.00
C VAL A 479 25.33 -5.71 4.58
N LYS A 480 24.88 -4.53 4.16
CA LYS A 480 25.79 -3.46 3.79
C LYS A 480 26.37 -2.83 5.06
N VAL A 481 27.68 -2.61 5.09
CA VAL A 481 28.33 -2.10 6.30
C VAL A 481 29.43 -1.09 6.01
N GLY A 482 29.71 -0.26 7.02
CA GLY A 482 30.83 0.65 7.02
C GLY A 482 31.37 0.77 8.43
N LEU A 483 32.46 1.53 8.59
CA LEU A 483 33.08 1.73 9.90
C LEU A 483 33.35 3.21 10.16
N LEU A 484 33.08 3.65 11.38
CA LEU A 484 33.36 5.01 11.82
C LEU A 484 34.35 5.01 12.99
N ASN A 485 35.33 5.91 12.92
CA ASN A 485 36.29 6.03 14.02
C ASN A 485 35.74 6.90 15.14
N ARG A 486 36.58 7.21 16.12
CA ARG A 486 36.16 7.98 17.29
C ARG A 486 35.65 9.37 16.92
N ASN A 487 36.18 9.92 15.83
CA ASN A 487 35.77 11.25 15.37
C ASN A 487 34.61 11.19 14.39
N GLY A 488 34.24 9.98 13.99
CA GLY A 488 33.05 9.78 13.17
C GLY A 488 33.29 9.84 11.68
N GLU A 489 34.54 9.75 11.25
CA GLU A 489 34.85 9.72 9.82
C GLU A 489 34.99 8.27 9.35
N ALA A 490 34.74 8.06 8.06
CA ALA A 490 34.74 6.73 7.47
C ALA A 490 36.13 6.08 7.55
N VAL A 491 36.15 4.82 7.98
CA VAL A 491 37.39 4.06 8.09
C VAL A 491 37.44 2.98 7.02
N ALA A 492 38.56 2.89 6.31
CA ALA A 492 38.72 1.91 5.25
C ALA A 492 39.12 0.55 5.81
N PHE A 493 38.77 -0.50 5.08
CA PHE A 493 39.08 -1.87 5.48
C PHE A 493 39.21 -2.75 4.25
N ASP A 494 39.80 -3.92 4.43
CA ASP A 494 40.02 -4.85 3.32
C ASP A 494 39.01 -5.99 3.35
N TYR A 495 38.24 -6.11 2.27
CA TYR A 495 37.24 -7.16 2.14
C TYR A 495 36.68 -7.15 0.72
N GLN A 496 36.87 -8.20 -0.08
CA GLN A 496 37.67 -9.38 0.21
C GLN A 496 38.80 -9.44 -0.81
N GLY A 497 39.91 -8.82 -0.44
CA GLY A 497 41.00 -8.56 -1.37
C GLY A 497 40.85 -7.19 -2.01
N LYS A 498 39.90 -6.41 -1.48
CA LYS A 498 39.63 -5.07 -2.00
C LYS A 498 39.52 -4.06 -0.87
N ARG A 499 40.30 -2.99 -0.95
CA ARG A 499 40.26 -1.92 0.04
C ARG A 499 39.20 -0.90 -0.35
N ALA A 500 38.16 -0.78 0.48
CA ALA A 500 37.09 0.18 0.25
C ALA A 500 36.54 0.66 1.59
N THR A 501 35.63 1.63 1.52
CA THR A 501 35.04 2.20 2.73
C THR A 501 33.65 1.60 2.99
N GLU A 502 33.18 0.78 2.07
CA GLU A 502 31.86 0.16 2.18
C GLU A 502 31.87 -1.22 1.51
N ALA A 503 31.08 -2.14 2.06
CA ALA A 503 31.00 -3.49 1.52
C ALA A 503 29.65 -4.12 1.85
N VAL A 504 29.23 -5.06 1.00
CA VAL A 504 28.01 -5.83 1.23
C VAL A 504 28.37 -7.23 1.69
N LEU A 505 28.20 -7.49 2.99
CA LEU A 505 28.48 -8.79 3.56
C LEU A 505 27.29 -9.72 3.32
N LEU A 506 27.53 -10.79 2.57
CA LEU A 506 26.46 -11.71 2.20
C LEU A 506 26.34 -12.86 3.21
N LEU A 507 25.39 -12.74 4.11
CA LEU A 507 25.11 -13.79 5.08
C LEU A 507 24.22 -14.86 4.45
N THR A 508 24.70 -16.10 4.42
CA THR A 508 23.99 -17.18 3.73
C THR A 508 23.69 -18.38 4.62
N GLU A 509 24.19 -18.37 5.85
CA GLU A 509 23.94 -19.48 6.77
C GLU A 509 23.69 -19.00 8.20
N ALA A 510 23.42 -19.94 9.08
CA ALA A 510 22.95 -19.64 10.44
C ALA A 510 23.89 -18.71 11.19
N GLU A 511 25.20 -18.91 11.02
CA GLU A 511 26.18 -18.05 11.67
C GLU A 511 27.45 -17.93 10.83
N GLN A 512 27.89 -16.67 10.62
CA GLN A 512 29.13 -16.39 9.90
C GLN A 512 29.92 -15.30 10.62
N THR A 513 31.23 -15.30 10.41
CA THR A 513 32.08 -14.23 10.87
C THR A 513 32.74 -13.55 9.66
N PHE A 514 32.59 -12.23 9.59
CA PHE A 514 33.12 -11.46 8.48
C PHE A 514 34.38 -10.72 8.92
N LEU A 515 35.46 -10.91 8.18
CA LEU A 515 36.76 -10.34 8.53
C LEU A 515 37.05 -9.09 7.74
N LEU A 516 36.99 -7.95 8.42
CA LEU A 516 37.28 -6.64 7.81
C LEU A 516 38.68 -6.21 8.21
N GLU A 517 39.65 -6.48 7.34
CA GLU A 517 41.06 -6.33 7.68
C GLU A 517 41.61 -4.94 7.34
N GLY A 518 42.77 -4.62 7.92
CA GLY A 518 43.44 -3.35 7.64
C GLY A 518 42.86 -2.20 8.43
N VAL A 519 42.33 -2.50 9.62
CA VAL A 519 41.74 -1.49 10.48
C VAL A 519 42.75 -1.08 11.55
N THR A 520 43.27 0.14 11.44
CA THR A 520 44.37 0.61 12.29
C THR A 520 43.88 1.48 13.45
N GLU A 521 42.59 1.41 13.76
CA GLU A 521 42.05 2.22 14.86
C GLU A 521 40.69 1.75 15.35
N ALA A 522 40.29 2.26 16.51
CA ALA A 522 39.01 1.93 17.11
C ALA A 522 37.85 2.38 16.22
N VAL A 523 36.89 1.49 16.00
CA VAL A 523 35.76 1.78 15.12
C VAL A 523 34.41 1.38 15.69
N VAL A 524 33.39 2.11 15.29
CA VAL A 524 32.00 1.74 15.55
C VAL A 524 31.38 1.34 14.21
N PRO A 525 30.80 0.13 14.13
CA PRO A 525 30.30 -0.30 12.82
C PRO A 525 28.97 0.34 12.45
N SER A 526 28.83 0.68 11.17
CA SER A 526 27.56 1.09 10.60
C SER A 526 26.98 -0.11 9.87
N LEU A 527 25.77 -0.53 10.24
CA LEU A 527 25.23 -1.81 9.79
C LEU A 527 23.90 -1.68 9.04
N LEU A 528 23.71 -2.56 8.06
CA LEU A 528 22.47 -2.66 7.30
C LEU A 528 22.16 -1.33 6.59
N ARG A 529 23.20 -0.73 6.02
CA ARG A 529 23.06 0.56 5.35
C ARG A 529 22.02 0.54 4.25
N GLY A 530 21.21 1.59 4.19
CA GLY A 530 20.13 1.69 3.23
C GLY A 530 19.03 0.66 3.49
N PHE A 531 19.09 0.02 4.65
CA PHE A 531 18.19 -1.08 4.98
C PHE A 531 18.32 -2.17 3.91
N SER A 532 19.53 -2.73 3.81
CA SER A 532 19.90 -3.62 2.72
C SER A 532 19.12 -4.93 2.73
N ALA A 533 18.39 -5.18 3.81
CA ALA A 533 17.53 -6.37 3.88
C ALA A 533 16.43 -6.17 4.93
N PRO A 534 15.23 -6.73 4.69
CA PRO A 534 14.10 -6.51 5.58
C PRO A 534 14.18 -7.39 6.83
N VAL A 535 14.95 -6.94 7.82
CA VAL A 535 15.23 -7.73 9.01
C VAL A 535 15.33 -6.89 10.29
N HIS A 536 15.22 -7.56 11.43
CA HIS A 536 15.59 -6.97 12.71
C HIS A 536 17.09 -7.19 12.92
N LEU A 537 17.80 -6.12 13.27
CA LEU A 537 19.21 -6.23 13.63
C LEU A 537 19.42 -5.83 15.08
N ASN A 538 20.07 -6.70 15.83
CA ASN A 538 20.46 -6.40 17.20
C ASN A 538 21.97 -6.31 17.30
N TYR A 539 22.46 -5.16 17.75
CA TYR A 539 23.88 -4.94 17.99
C TYR A 539 24.04 -4.21 19.31
N PRO A 540 25.07 -4.56 20.10
CA PRO A 540 25.18 -3.91 21.40
C PRO A 540 25.79 -2.52 21.30
N TYR A 541 25.01 -1.58 20.76
CA TYR A 541 25.43 -0.18 20.68
C TYR A 541 25.25 0.50 22.03
N SER A 542 26.26 1.26 22.45
CA SER A 542 26.12 2.14 23.59
C SER A 542 25.29 3.34 23.16
N ASP A 543 24.71 4.07 24.10
CA ASP A 543 24.01 5.30 23.77
C ASP A 543 24.98 6.25 23.07
N ASP A 544 26.23 6.25 23.52
CA ASP A 544 27.27 7.07 22.90
C ASP A 544 27.53 6.65 21.46
N ASP A 545 27.51 5.35 21.20
CA ASP A 545 27.69 4.83 19.84
C ASP A 545 26.59 5.35 18.93
N LEU A 546 25.38 5.43 19.46
CA LEU A 546 24.23 5.88 18.68
C LEU A 546 24.32 7.38 18.41
N LEU A 547 24.78 8.14 19.40
CA LEU A 547 24.98 9.58 19.21
C LEU A 547 25.98 9.82 18.09
N LEU A 548 27.01 8.99 18.04
CA LEU A 548 28.06 9.14 17.03
C LEU A 548 27.56 8.80 15.64
N LEU A 549 26.82 7.71 15.53
CA LEU A 549 26.25 7.29 14.25
C LEU A 549 25.30 8.36 13.72
N LEU A 550 24.40 8.82 14.59
CA LEU A 550 23.44 9.87 14.23
C LEU A 550 24.15 11.13 13.76
N ALA A 551 25.27 11.45 14.41
CA ALA A 551 25.95 12.72 14.18
C ALA A 551 26.83 12.73 12.94
N HIS A 552 27.40 11.58 12.59
CA HIS A 552 28.51 11.56 11.63
C HIS A 552 28.39 10.55 10.48
N ASP A 553 27.55 9.54 10.62
CA ASP A 553 27.49 8.47 9.63
C ASP A 553 27.04 9.02 8.27
N SER A 554 27.40 8.32 7.20
CA SER A 554 27.16 8.81 5.85
C SER A 554 25.88 8.27 5.21
N ASP A 555 25.29 7.25 5.81
CA ASP A 555 24.07 6.63 5.29
C ASP A 555 22.84 7.17 6.01
N ALA A 556 21.84 7.59 5.24
CA ALA A 556 20.65 8.22 5.79
C ALA A 556 19.88 7.30 6.75
N PHE A 557 19.74 6.03 6.38
CA PHE A 557 18.98 5.10 7.19
C PHE A 557 19.63 4.84 8.54
N THR A 558 20.94 4.59 8.55
CA THR A 558 21.64 4.26 9.78
C THR A 558 21.61 5.43 10.75
N ARG A 559 21.71 6.65 10.22
CA ARG A 559 21.57 7.84 11.05
C ARG A 559 20.17 7.87 11.67
N TRP A 560 19.17 7.66 10.82
CA TRP A 560 17.78 7.66 11.25
C TRP A 560 17.51 6.54 12.24
N GLU A 561 18.05 5.36 11.97
CA GLU A 561 17.84 4.20 12.84
C GLU A 561 18.47 4.42 14.21
N ALA A 562 19.60 5.13 14.24
CA ALA A 562 20.27 5.46 15.49
C ALA A 562 19.37 6.33 16.36
N ALA A 563 18.73 7.32 15.73
CA ALA A 563 17.78 8.17 16.42
C ALA A 563 16.57 7.37 16.88
N GLN A 564 16.07 6.51 15.99
CA GLN A 564 14.96 5.62 16.30
C GLN A 564 15.26 4.76 17.52
N THR A 565 16.50 4.31 17.62
CA THR A 565 16.90 3.44 18.72
C THR A 565 16.93 4.19 20.05
N LEU A 566 17.40 5.44 20.01
CA LEU A 566 17.43 6.26 21.21
C LEU A 566 16.01 6.54 21.70
N TYR A 567 15.10 6.79 20.76
CA TYR A 567 13.70 7.00 21.11
C TYR A 567 13.11 5.76 21.74
N ARG A 568 13.37 4.60 21.13
CA ARG A 568 12.84 3.33 21.63
C ARG A 568 13.32 3.04 23.04
N ARG A 569 14.60 3.28 23.29
CA ARG A 569 15.18 3.06 24.61
C ARG A 569 14.56 4.01 25.64
N ALA A 570 14.30 5.24 25.21
CA ALA A 570 13.72 6.25 26.11
C ALA A 570 12.33 5.82 26.56
N VAL A 571 11.53 5.33 25.62
CA VAL A 571 10.18 4.86 25.93
C VAL A 571 10.26 3.63 26.84
N ALA A 572 11.27 2.79 26.61
CA ALA A 572 11.48 1.62 27.45
C ALA A 572 11.76 2.05 28.89
N ALA A 573 12.49 3.15 29.04
CA ALA A 573 12.78 3.69 30.35
C ALA A 573 11.52 4.26 30.99
N ASN A 574 10.72 4.96 30.20
CA ASN A 574 9.46 5.52 30.67
C ASN A 574 8.53 4.42 31.18
N LEU A 575 8.44 3.33 30.43
CA LEU A 575 7.62 2.19 30.82
C LEU A 575 8.04 1.66 32.18
N ALA A 576 9.34 1.57 32.40
CA ALA A 576 9.89 1.02 33.65
C ALA A 576 9.52 1.90 34.84
N THR A 577 9.70 3.20 34.70
CA THR A 577 9.45 4.13 35.80
C THR A 577 7.96 4.26 36.09
N LEU A 578 7.16 4.36 35.04
CA LEU A 578 5.71 4.44 35.19
C LEU A 578 5.17 3.19 35.86
N SER A 579 5.82 2.06 35.59
CA SER A 579 5.44 0.80 36.20
C SER A 579 5.81 0.75 37.67
N ASP A 580 6.97 1.31 38.01
CA ASP A 580 7.44 1.32 39.39
C ASP A 580 6.86 2.49 40.20
N GLY A 581 5.96 3.25 39.57
CA GLY A 581 5.35 4.39 40.24
C GLY A 581 6.41 5.40 40.65
N VAL A 582 7.23 5.80 39.68
CA VAL A 582 8.41 6.62 39.94
C VAL A 582 8.52 7.76 38.91
N GLU A 583 9.25 8.81 39.26
CA GLU A 583 9.45 9.94 38.35
C GLU A 583 10.02 9.49 37.01
N LEU A 584 9.70 10.23 35.95
CA LEU A 584 10.20 9.88 34.62
C LEU A 584 11.72 10.01 34.57
N PRO A 585 12.37 9.27 33.66
CA PRO A 585 13.82 9.45 33.49
C PRO A 585 14.13 10.84 32.93
N LYS A 586 15.41 11.19 32.87
CA LYS A 586 15.82 12.52 32.42
C LYS A 586 16.15 12.54 30.92
N HIS A 587 16.54 11.38 30.39
CA HIS A 587 16.84 11.24 28.96
C HIS A 587 17.90 12.24 28.51
N GLU A 588 18.93 12.42 29.34
CA GLU A 588 19.99 13.39 29.07
C GLU A 588 20.61 13.23 27.67
N LYS A 589 21.06 12.02 27.35
CA LYS A 589 21.72 11.78 26.07
C LYS A 589 20.75 11.97 24.89
N LEU A 590 19.49 11.63 25.11
CA LEU A 590 18.48 11.82 24.07
C LEU A 590 18.25 13.30 23.82
N LEU A 591 17.93 14.05 24.88
CA LEU A 591 17.67 15.48 24.78
C LEU A 591 18.86 16.20 24.17
N ALA A 592 20.06 15.71 24.45
CA ALA A 592 21.27 16.27 23.86
C ALA A 592 21.26 16.07 22.35
N ALA A 593 20.89 14.88 21.92
CA ALA A 593 20.87 14.55 20.50
C ALA A 593 19.80 15.36 19.76
N VAL A 594 18.61 15.43 20.34
CA VAL A 594 17.51 16.17 19.73
C VAL A 594 17.88 17.64 19.58
N GLU A 595 18.57 18.18 20.58
CA GLU A 595 19.01 19.58 20.54
C GLU A 595 19.96 19.78 19.36
N LYS A 596 20.85 18.81 19.14
CA LYS A 596 21.80 18.90 18.04
C LYS A 596 21.09 18.82 16.70
N VAL A 597 20.09 17.95 16.61
CA VAL A 597 19.31 17.80 15.38
C VAL A 597 18.56 19.09 15.06
N ILE A 598 17.84 19.62 16.06
CA ILE A 598 17.07 20.84 15.89
C ILE A 598 17.94 22.00 15.41
N SER A 599 19.15 22.11 15.94
CA SER A 599 20.02 23.24 15.67
C SER A 599 20.94 23.03 14.48
N ASP A 600 20.98 21.81 13.94
CA ASP A 600 21.84 21.52 12.80
C ASP A 600 21.21 22.11 11.53
N ASP A 601 21.77 23.21 11.06
CA ASP A 601 21.28 23.87 9.86
C ASP A 601 21.75 23.18 8.59
N LEU A 602 22.57 22.14 8.73
CA LEU A 602 23.10 21.41 7.59
C LEU A 602 22.19 20.26 7.19
N LEU A 603 21.35 19.81 8.12
CA LEU A 603 20.45 18.70 7.85
C LEU A 603 19.34 19.13 6.89
N ASP A 604 19.12 18.30 5.86
CA ASP A 604 18.00 18.48 4.95
C ASP A 604 16.71 18.62 5.77
N ASN A 605 15.86 19.55 5.38
CA ASN A 605 14.67 19.86 6.16
C ASN A 605 13.76 18.64 6.39
N ALA A 606 13.50 17.88 5.33
CA ALA A 606 12.63 16.71 5.43
C ALA A 606 13.30 15.61 6.23
N PHE A 607 14.60 15.45 6.07
CA PHE A 607 15.35 14.45 6.82
C PHE A 607 15.37 14.82 8.30
N LYS A 608 15.45 16.11 8.60
CA LYS A 608 15.39 16.58 9.97
C LYS A 608 14.05 16.20 10.60
N ALA A 609 12.97 16.37 9.83
CA ALA A 609 11.63 16.04 10.31
C ALA A 609 11.52 14.57 10.67
N LEU A 610 12.16 13.71 9.89
CA LEU A 610 12.13 12.27 10.13
C LEU A 610 12.91 11.91 11.39
N LEU A 611 14.02 12.61 11.63
CA LEU A 611 14.82 12.37 12.82
C LEU A 611 14.06 12.76 14.09
N LEU A 612 13.03 13.58 13.92
CA LEU A 612 12.25 14.08 15.05
C LEU A 612 10.93 13.30 15.24
N GLY A 613 10.79 12.20 14.50
CA GLY A 613 9.61 11.36 14.62
C GLY A 613 9.84 10.23 15.61
N VAL A 614 8.88 10.02 16.50
CA VAL A 614 8.96 8.95 17.49
C VAL A 614 8.29 7.69 16.96
N PRO A 615 8.93 6.51 17.16
CA PRO A 615 8.32 5.24 16.74
C PRO A 615 6.91 5.04 17.28
N SER A 616 6.04 4.44 16.47
CA SER A 616 4.64 4.22 16.85
C SER A 616 4.53 3.19 17.96
N GLU A 617 3.35 3.13 18.59
CA GLU A 617 3.10 2.17 19.65
C GLU A 617 3.34 0.73 19.17
N ALA A 618 2.97 0.44 17.93
CA ALA A 618 3.12 -0.90 17.37
C ALA A 618 4.59 -1.31 17.29
N GLU A 619 5.45 -0.37 16.90
CA GLU A 619 6.89 -0.63 16.88
C GLU A 619 7.41 -0.88 18.29
N LEU A 620 6.83 -0.17 19.25
CA LEU A 620 7.33 -0.19 20.62
C LEU A 620 6.97 -1.48 21.36
N TRP A 621 5.81 -2.04 21.10
CA TRP A 621 5.41 -3.30 21.75
C TRP A 621 5.72 -4.50 20.85
N ASP A 622 6.56 -4.31 19.85
CA ASP A 622 6.98 -5.39 18.98
C ASP A 622 7.65 -6.51 19.78
N GLY A 623 7.13 -7.72 19.63
CA GLY A 623 7.73 -8.88 20.28
C GLY A 623 7.38 -9.02 21.75
N ALA A 624 6.44 -8.21 22.21
CA ALA A 624 6.03 -8.24 23.61
C ALA A 624 4.84 -9.17 23.81
N GLU A 625 4.69 -9.66 25.04
CA GLU A 625 3.57 -10.51 25.43
C GLU A 625 2.75 -9.82 26.50
N ASN A 626 1.48 -10.18 26.60
CA ASN A 626 0.59 -9.62 27.61
C ASN A 626 0.59 -8.10 27.57
N ILE A 627 0.31 -7.56 26.39
CA ILE A 627 0.42 -6.12 26.13
C ILE A 627 -0.77 -5.34 26.66
N ASP A 628 -0.47 -4.27 27.40
CA ASP A 628 -1.45 -3.25 27.75
C ASP A 628 -1.16 -2.05 26.85
N PRO A 629 -1.92 -1.92 25.74
CA PRO A 629 -1.59 -0.88 24.75
C PRO A 629 -1.59 0.53 25.33
N LEU A 630 -2.36 0.76 26.40
CA LEU A 630 -2.45 2.09 26.97
C LEU A 630 -1.22 2.45 27.79
N ARG A 631 -0.52 1.46 28.34
CA ARG A 631 0.73 1.73 29.05
C ARG A 631 1.81 2.13 28.05
N TYR A 632 1.84 1.47 26.90
CA TYR A 632 2.75 1.85 25.83
C TYR A 632 2.37 3.23 25.31
N HIS A 633 1.07 3.48 25.19
CA HIS A 633 0.57 4.79 24.78
C HIS A 633 0.99 5.87 25.77
N GLN A 634 0.82 5.57 27.05
CA GLN A 634 1.19 6.51 28.11
C GLN A 634 2.69 6.82 28.05
N ALA A 635 3.49 5.80 27.85
CA ALA A 635 4.95 5.95 27.82
C ALA A 635 5.39 6.79 26.62
N ARG A 636 4.75 6.60 25.48
CA ARG A 636 5.07 7.36 24.28
C ARG A 636 4.63 8.81 24.44
N GLU A 637 3.41 9.01 24.92
CA GLU A 637 2.87 10.34 25.13
C GLU A 637 3.74 11.14 26.10
N ALA A 638 4.23 10.47 27.14
CA ALA A 638 5.08 11.09 28.14
C ALA A 638 6.36 11.62 27.49
N LEU A 639 6.93 10.84 26.58
CA LEU A 639 8.15 11.23 25.89
C LEU A 639 7.89 12.43 24.99
N LEU A 640 6.74 12.43 24.30
CA LEU A 640 6.38 13.53 23.43
C LEU A 640 6.14 14.80 24.23
N ASP A 641 5.53 14.65 25.40
CA ASP A 641 5.29 15.78 26.29
C ASP A 641 6.61 16.38 26.75
N THR A 642 7.57 15.52 27.08
CA THR A 642 8.89 15.96 27.52
C THR A 642 9.61 16.72 26.40
N LEU A 643 9.60 16.16 25.20
CA LEU A 643 10.24 16.79 24.06
C LEU A 643 9.56 18.10 23.68
N ALA A 644 8.24 18.13 23.81
CA ALA A 644 7.46 19.31 23.47
C ALA A 644 7.75 20.45 24.45
N VAL A 645 7.63 20.17 25.73
CA VAL A 645 7.79 21.19 26.76
C VAL A 645 9.24 21.64 26.87
N HIS A 646 10.16 20.69 26.81
CA HIS A 646 11.58 20.99 27.00
C HIS A 646 12.13 21.91 25.91
N PHE A 647 11.70 21.68 24.67
CA PHE A 647 12.23 22.42 23.53
C PHE A 647 11.25 23.47 22.98
N LEU A 648 10.25 23.85 23.77
CA LEU A 648 9.15 24.68 23.28
C LEU A 648 9.62 25.94 22.53
N PRO A 649 10.56 26.71 23.10
CA PRO A 649 10.98 27.90 22.38
C PRO A 649 11.71 27.59 21.07
N LYS A 650 12.44 26.48 21.03
CA LYS A 650 13.18 26.11 19.83
C LYS A 650 12.26 25.53 18.76
N TRP A 651 11.11 25.00 19.19
CA TRP A 651 10.09 24.56 18.25
C TRP A 651 9.54 25.76 17.50
N HIS A 652 9.34 26.87 18.21
CA HIS A 652 8.88 28.12 17.60
C HIS A 652 9.93 28.65 16.64
N GLU A 653 11.18 28.70 17.10
CA GLU A 653 12.29 29.17 16.28
C GLU A 653 12.38 28.39 14.98
N LEU A 654 12.31 27.07 15.10
CA LEU A 654 12.39 26.20 13.94
C LEU A 654 11.18 26.42 13.05
N ASN A 655 10.03 26.66 13.68
CA ASN A 655 8.80 26.97 12.97
C ASN A 655 8.97 28.21 12.09
N ARG A 656 9.52 29.27 12.66
CA ARG A 656 9.69 30.52 11.94
C ARG A 656 10.72 30.38 10.83
N GLN A 657 11.80 29.65 11.11
CA GLN A 657 12.81 29.38 10.10
C GLN A 657 12.18 28.71 8.89
N ALA A 658 11.31 27.74 9.14
CA ALA A 658 10.66 27.00 8.07
C ALA A 658 9.67 27.88 7.31
N ALA A 659 9.02 28.79 8.04
CA ALA A 659 8.06 29.70 7.43
C ALA A 659 8.75 30.63 6.44
N LYS A 660 9.93 31.13 6.82
CA LYS A 660 10.66 32.05 5.98
C LYS A 660 11.22 31.36 4.74
N GLN A 661 11.73 30.15 4.92
CA GLN A 661 12.36 29.42 3.82
C GLN A 661 11.31 28.92 2.83
N GLU A 662 10.10 28.68 3.32
CA GLU A 662 8.99 28.31 2.45
C GLU A 662 8.77 29.42 1.43
N ASN A 663 8.89 30.65 1.89
CA ASN A 663 8.88 31.83 1.03
C ASN A 663 7.61 31.93 0.20
N GLN A 664 6.47 31.72 0.84
CA GLN A 664 5.16 31.89 0.22
C GLN A 664 4.99 31.04 -1.05
N SER A 665 5.77 29.97 -1.16
CA SER A 665 5.63 29.05 -2.28
C SER A 665 4.67 27.92 -1.91
N TYR A 666 3.38 28.17 -2.11
CA TYR A 666 2.34 27.33 -1.55
C TYR A 666 1.93 26.17 -2.47
N GLU A 667 2.27 26.27 -3.76
CA GLU A 667 2.02 25.16 -4.67
C GLU A 667 2.95 24.01 -4.33
N TYR A 668 2.67 22.82 -4.85
CA TYR A 668 3.49 21.66 -4.50
C TYR A 668 4.84 21.70 -5.18
N SER A 669 5.87 21.38 -4.40
CA SER A 669 7.20 21.10 -4.93
C SER A 669 7.95 20.38 -3.81
N PRO A 670 8.87 19.47 -4.17
CA PRO A 670 9.61 18.75 -3.14
C PRO A 670 10.34 19.70 -2.18
N GLU A 671 10.77 20.84 -2.70
CA GLU A 671 11.55 21.80 -1.93
C GLU A 671 10.68 22.46 -0.86
N ALA A 672 9.58 23.06 -1.30
CA ALA A 672 8.65 23.74 -0.40
C ALA A 672 7.98 22.74 0.54
N ALA A 673 7.71 21.54 0.05
CA ALA A 673 7.05 20.52 0.85
C ALA A 673 7.92 20.11 2.03
N GLY A 674 9.23 20.18 1.86
CA GLY A 674 10.16 19.82 2.91
C GLY A 674 10.05 20.76 4.09
N TRP A 675 9.90 22.04 3.79
CA TRP A 675 9.76 23.06 4.82
C TRP A 675 8.42 22.91 5.56
N ARG A 676 7.38 22.58 4.81
CA ARG A 676 6.05 22.45 5.39
C ARG A 676 5.96 21.22 6.29
N THR A 677 6.62 20.14 5.88
CA THR A 677 6.72 18.95 6.71
C THR A 677 7.36 19.29 8.05
N LEU A 678 8.48 20.02 8.00
CA LEU A 678 9.19 20.42 9.21
C LEU A 678 8.33 21.38 10.03
N ARG A 679 7.66 22.31 9.35
CA ARG A 679 6.77 23.25 10.02
C ARG A 679 5.68 22.53 10.80
N ASN A 680 5.13 21.47 10.21
CA ASN A 680 4.03 20.75 10.82
C ASN A 680 4.47 19.89 12.01
N VAL A 681 5.75 19.50 12.02
CA VAL A 681 6.31 18.82 13.17
C VAL A 681 6.39 19.79 14.35
N CYS A 682 6.86 21.00 14.07
CA CYS A 682 6.97 22.04 15.10
C CYS A 682 5.61 22.38 15.70
N ARG A 683 4.60 22.52 14.84
CA ARG A 683 3.26 22.84 15.29
C ARG A 683 2.73 21.77 16.24
N ALA A 684 3.00 20.51 15.93
CA ALA A 684 2.53 19.41 16.76
C ALA A 684 3.12 19.49 18.17
N PHE A 685 4.42 19.79 18.25
CA PHE A 685 5.10 19.91 19.53
C PHE A 685 4.66 21.15 20.30
N VAL A 686 4.58 22.28 19.61
CA VAL A 686 4.18 23.53 20.24
C VAL A 686 2.82 23.40 20.90
N LEU A 687 1.88 22.76 20.21
CA LEU A 687 0.49 22.76 20.64
C LEU A 687 0.16 21.71 21.69
N ARG A 688 1.10 20.80 21.99
CA ARG A 688 0.91 19.89 23.12
C ARG A 688 1.64 20.45 24.34
N ALA A 689 2.64 21.28 24.09
CA ALA A 689 3.33 22.00 25.17
C ALA A 689 2.51 23.20 25.62
N ASP A 690 1.90 23.87 24.65
CA ASP A 690 1.08 25.06 24.93
C ASP A 690 -0.24 24.99 24.16
N PRO A 691 -1.20 24.18 24.67
CA PRO A 691 -2.52 24.03 24.06
C PRO A 691 -3.26 25.36 23.87
N ALA A 692 -3.00 26.32 24.76
CA ALA A 692 -3.66 27.62 24.70
C ALA A 692 -3.29 28.37 23.42
N HIS A 693 -2.19 27.96 22.79
CA HIS A 693 -1.72 28.58 21.56
C HIS A 693 -2.75 28.41 20.43
N ILE A 694 -3.68 27.50 20.62
CA ILE A 694 -4.71 27.24 19.61
C ILE A 694 -5.53 28.49 19.32
N GLU A 695 -5.77 29.30 20.34
CA GLU A 695 -6.60 30.50 20.19
C GLU A 695 -5.88 31.56 19.36
N THR A 696 -4.56 31.61 19.50
CA THR A 696 -3.75 32.50 18.68
C THR A 696 -3.79 32.02 17.24
N VAL A 697 -3.69 30.71 17.06
CA VAL A 697 -3.76 30.09 15.74
C VAL A 697 -5.13 30.33 15.10
N ALA A 698 -6.17 30.10 15.88
CA ALA A 698 -7.54 30.32 15.40
C ALA A 698 -7.75 31.77 14.99
N GLU A 699 -7.15 32.69 15.74
CA GLU A 699 -7.28 34.12 15.48
C GLU A 699 -6.73 34.50 14.10
N LYS A 700 -5.69 33.80 13.67
CA LYS A 700 -5.05 34.09 12.38
C LYS A 700 -5.12 32.87 11.45
N TYR A 701 -6.20 32.11 11.57
CA TYR A 701 -6.36 30.89 10.78
C TYR A 701 -6.33 31.17 9.29
N GLY A 702 -7.15 32.13 8.85
CA GLY A 702 -7.23 32.50 7.45
C GLY A 702 -5.88 32.89 6.88
N GLU A 703 -5.07 33.56 7.70
CA GLU A 703 -3.75 34.01 7.30
C GLU A 703 -2.82 32.83 7.05
N ALA A 705 -3.88 29.51 6.63
CA ALA A 705 -4.49 28.49 5.78
C ALA A 705 -4.22 28.79 4.31
N GLN A 706 -2.94 28.81 3.95
CA GLN A 706 -2.54 29.19 2.60
C GLN A 706 -2.55 28.00 1.64
N ASN A 707 -2.55 26.79 2.20
CA ASN A 707 -2.84 25.60 1.42
C ASN A 707 -3.30 24.47 2.35
N THR A 709 -1.93 21.69 3.09
CA THR A 709 -0.86 21.18 3.93
C THR A 709 -0.83 21.93 5.26
N HIS A 710 -1.03 23.24 5.19
CA HIS A 710 -1.01 24.07 6.40
C HIS A 710 -2.27 23.84 7.23
N GLU A 711 -3.43 23.76 6.58
CA GLU A 711 -4.67 23.53 7.29
C GLU A 711 -4.65 22.18 8.00
N TRP A 712 -4.27 21.14 7.26
CA TRP A 712 -4.20 19.80 7.81
C TRP A 712 -3.18 19.74 8.95
N GLY A 713 -2.03 20.35 8.72
CA GLY A 713 -0.97 20.36 9.71
C GLY A 713 -1.40 21.02 11.01
N ILE A 714 -2.16 22.10 10.88
CA ILE A 714 -2.66 22.82 12.05
C ILE A 714 -3.74 22.00 12.75
N LEU A 715 -4.70 21.49 11.99
CA LEU A 715 -5.80 20.73 12.55
C LEU A 715 -5.32 19.42 13.17
N SER A 716 -4.29 18.82 12.58
CA SER A 716 -3.67 17.62 13.15
C SER A 716 -3.03 17.92 14.50
N ALA A 717 -2.31 19.04 14.56
CA ALA A 717 -1.60 19.42 15.77
C ALA A 717 -2.54 19.65 16.95
N VAL A 718 -3.73 20.19 16.67
CA VAL A 718 -4.68 20.52 17.73
C VAL A 718 -5.74 19.44 17.93
N ASN A 719 -5.71 18.39 17.11
CA ASN A 719 -6.80 17.41 17.09
C ASN A 719 -7.06 16.75 18.45
N GLY A 720 -6.03 16.68 19.29
CA GLY A 720 -6.16 16.11 20.62
C GLY A 720 -6.44 17.14 21.70
N ASN A 721 -6.51 18.41 21.29
CA ASN A 721 -6.77 19.51 22.22
C ASN A 721 -8.19 19.40 22.77
N GLU A 722 -8.31 19.50 24.10
CA GLU A 722 -9.61 19.39 24.76
C GLU A 722 -10.40 20.70 24.73
N SER A 723 -9.84 21.71 24.08
CA SER A 723 -10.52 23.00 23.95
C SER A 723 -11.71 22.89 23.00
N ASP A 724 -12.72 23.72 23.23
CA ASP A 724 -13.88 23.78 22.37
C ASP A 724 -13.48 24.34 20.99
N THR A 725 -12.37 25.07 20.96
CA THR A 725 -11.88 25.66 19.74
C THR A 725 -11.48 24.59 18.73
N ARG A 726 -10.98 23.46 19.23
CA ARG A 726 -10.66 22.33 18.38
C ARG A 726 -11.91 21.90 17.62
N ASN A 727 -13.01 21.76 18.35
CA ASN A 727 -14.27 21.34 17.75
C ASN A 727 -14.79 22.38 16.76
N ARG A 728 -14.61 23.65 17.10
CA ARG A 728 -15.10 24.73 16.25
C ARG A 728 -14.35 24.74 14.92
N LEU A 729 -13.03 24.64 14.99
CA LEU A 729 -12.20 24.66 13.78
C LEU A 729 -12.52 23.47 12.88
N LEU A 730 -12.77 22.32 13.50
CA LEU A 730 -13.19 21.13 12.77
C LEU A 730 -14.51 21.38 12.05
N ALA A 731 -15.44 22.02 12.75
CA ALA A 731 -16.76 22.29 12.20
C ALA A 731 -16.69 23.32 11.07
N GLN A 732 -15.79 24.29 11.20
CA GLN A 732 -15.61 25.29 10.16
C GLN A 732 -14.95 24.67 8.94
N PHE A 733 -14.07 23.72 9.19
CA PHE A 733 -13.38 22.98 8.14
C PHE A 733 -14.38 22.20 7.30
N ALA A 734 -15.28 21.47 7.98
CA ALA A 734 -16.30 20.69 7.31
C ALA A 734 -17.23 21.59 6.48
N ASP A 735 -17.50 22.78 7.00
CA ASP A 735 -18.39 23.71 6.31
C ASP A 735 -17.72 24.28 5.06
N LYS A 736 -16.48 24.72 5.20
CA LYS A 736 -15.71 25.30 4.11
C LYS A 736 -15.55 24.35 2.93
N PHE A 737 -15.39 23.06 3.23
CA PHE A 737 -15.07 22.05 2.21
C PHE A 737 -16.16 20.98 2.09
N SER A 738 -17.38 21.34 2.45
CA SER A 738 -18.49 20.39 2.42
C SER A 738 -18.70 19.76 1.04
N ASP A 739 -18.31 20.48 0.00
CA ASP A 739 -18.56 20.05 -1.38
C ASP A 739 -17.42 19.19 -1.94
N ASP A 740 -16.30 19.13 -1.24
CA ASP A 740 -15.16 18.34 -1.67
C ASP A 740 -15.07 17.04 -0.85
N ALA A 741 -15.42 15.93 -1.50
CA ALA A 741 -15.51 14.64 -0.82
C ALA A 741 -14.17 14.17 -0.27
N LEU A 742 -13.09 14.47 -0.98
CA LEU A 742 -11.76 14.04 -0.56
C LEU A 742 -11.30 14.81 0.68
N VAL A 743 -11.77 16.03 0.83
CA VAL A 743 -11.44 16.83 2.01
C VAL A 743 -12.30 16.40 3.19
N ASP A 745 -13.06 13.44 3.75
CA ASP A 745 -12.34 12.28 4.25
C ASP A 745 -11.36 12.71 5.34
N LYS A 746 -10.68 13.83 5.13
CA LYS A 746 -9.73 14.34 6.11
C LYS A 746 -10.44 14.73 7.40
N TYR A 747 -11.64 15.31 7.25
CA TYR A 747 -12.46 15.69 8.40
C TYR A 747 -12.80 14.48 9.26
N PHE A 748 -13.26 13.41 8.62
CA PHE A 748 -13.66 12.21 9.35
C PHE A 748 -12.44 11.49 9.93
N ALA A 749 -11.29 11.65 9.29
CA ALA A 749 -10.06 11.05 9.80
C ALA A 749 -9.65 11.73 11.11
N LEU A 750 -9.83 13.05 11.16
CA LEU A 750 -9.53 13.81 12.37
C LEU A 750 -10.48 13.44 13.50
N VAL A 751 -11.76 13.26 13.16
CA VAL A 751 -12.76 12.87 14.14
C VAL A 751 -12.41 11.51 14.76
N GLY A 752 -12.06 10.56 13.89
CA GLY A 752 -11.78 9.21 14.34
C GLY A 752 -10.47 9.02 15.08
N SER A 753 -9.51 9.91 14.85
CA SER A 753 -8.14 9.71 15.34
C SER A 753 -7.82 10.53 16.59
N SER A 754 -8.74 11.37 17.02
CA SER A 754 -8.48 12.31 18.12
C SER A 754 -8.16 11.61 19.43
N ARG A 755 -7.21 12.16 20.19
CA ARG A 755 -6.85 11.64 21.50
C ARG A 755 -7.83 12.13 22.57
N ARG A 756 -8.72 13.05 22.20
CA ARG A 756 -9.70 13.60 23.14
C ARG A 756 -10.52 12.51 23.81
N SER A 757 -11.04 12.80 25.00
CA SER A 757 -11.72 11.80 25.79
C SER A 757 -13.06 11.37 25.19
N ASP A 758 -13.68 12.26 24.40
CA ASP A 758 -15.04 12.03 23.90
C ASP A 758 -15.07 11.56 22.45
N THR A 759 -13.99 10.94 21.99
CA THR A 759 -13.87 10.56 20.57
C THR A 759 -14.93 9.57 20.11
N LEU A 760 -15.26 8.59 20.95
CA LEU A 760 -16.21 7.56 20.55
C LEU A 760 -17.57 8.15 20.18
N GLN A 761 -18.05 9.10 20.98
CA GLN A 761 -19.35 9.70 20.73
C GLN A 761 -19.31 10.69 19.57
N GLN A 762 -18.18 11.34 19.37
CA GLN A 762 -18.01 12.20 18.20
C GLN A 762 -18.01 11.35 16.94
N VAL A 763 -17.39 10.19 17.01
CA VAL A 763 -17.37 9.24 15.91
C VAL A 763 -18.77 8.77 15.57
N ARG A 764 -19.58 8.48 16.59
CA ARG A 764 -20.93 7.97 16.39
C ARG A 764 -21.83 9.05 15.79
N THR A 765 -21.59 10.30 16.16
CA THR A 765 -22.30 11.41 15.54
C THR A 765 -21.88 11.56 14.08
N ALA A 766 -20.59 11.36 13.81
CA ALA A 766 -20.05 11.49 12.46
C ALA A 766 -20.67 10.46 11.51
N LEU A 767 -21.04 9.30 12.05
CA LEU A 767 -21.71 8.27 11.25
C LEU A 767 -22.96 8.81 10.57
N GLN A 768 -23.57 9.81 11.21
CA GLN A 768 -24.83 10.36 10.75
C GLN A 768 -24.64 11.73 10.09
N HIS A 769 -23.40 12.09 9.83
CA HIS A 769 -23.09 13.29 9.09
C HIS A 769 -23.62 13.16 7.66
N PRO A 770 -24.29 14.19 7.12
CA PRO A 770 -24.90 14.09 5.80
C PRO A 770 -23.93 13.72 4.67
N LYS A 771 -22.65 14.02 4.87
CA LYS A 771 -21.60 13.74 3.90
C LYS A 771 -20.88 12.42 4.16
N PHE A 772 -21.29 11.70 5.19
CA PHE A 772 -20.72 10.38 5.47
C PHE A 772 -21.56 9.29 4.85
N SER A 773 -20.89 8.27 4.30
CA SER A 773 -21.57 7.08 3.81
C SER A 773 -20.73 5.85 4.15
N LEU A 774 -21.30 4.96 4.96
CA LEU A 774 -20.62 3.73 5.35
C LEU A 774 -20.33 2.86 4.12
N GLU A 775 -21.11 3.06 3.07
CA GLU A 775 -20.98 2.29 1.84
C GLU A 775 -19.89 2.83 0.92
N ASN A 776 -19.30 3.96 1.30
CA ASN A 776 -18.15 4.50 0.58
C ASN A 776 -16.86 4.10 1.28
N PRO A 777 -16.02 3.28 0.63
CA PRO A 777 -14.79 2.79 1.26
C PRO A 777 -13.90 3.89 1.85
N ASN A 778 -13.73 5.00 1.13
CA ASN A 778 -12.88 6.08 1.62
C ASN A 778 -13.41 6.65 2.93
N LYS A 779 -14.72 6.84 3.01
CA LYS A 779 -15.35 7.35 4.22
C LYS A 779 -15.23 6.35 5.36
N ALA A 780 -15.52 5.09 5.07
CA ALA A 780 -15.47 4.04 6.09
C ALA A 780 -14.08 3.95 6.69
N ARG A 781 -13.05 3.95 5.84
CA ARG A 781 -11.67 3.91 6.30
C ARG A 781 -11.30 5.13 7.11
N SER A 782 -11.65 6.30 6.58
CA SER A 782 -11.33 7.57 7.22
C SER A 782 -11.83 7.61 8.66
N LEU A 783 -13.12 7.35 8.85
CA LEU A 783 -13.73 7.44 10.18
C LEU A 783 -13.47 6.18 11.03
N ILE A 784 -13.90 5.03 10.52
CA ILE A 784 -13.85 3.79 11.30
C ILE A 784 -12.45 3.21 11.34
N GLY A 785 -11.75 3.28 10.22
CA GLY A 785 -10.38 2.79 10.16
C GLY A 785 -9.50 3.55 11.13
N SER A 786 -9.63 4.87 11.13
CA SER A 786 -8.83 5.71 12.01
C SER A 786 -9.10 5.38 13.47
N PHE A 787 -10.38 5.21 13.80
CA PHE A 787 -10.76 4.89 15.17
C PHE A 787 -10.18 3.54 15.59
N SER A 788 -10.16 2.58 14.67
CA SER A 788 -9.66 1.26 14.97
C SER A 788 -8.16 1.29 15.27
N ARG A 789 -7.50 2.34 14.80
CA ARG A 789 -6.07 2.52 15.04
C ARG A 789 -5.81 3.55 16.14
N ASN A 790 -6.89 4.13 16.67
CA ASN A 790 -6.81 5.06 17.80
C ASN A 790 -6.61 4.30 19.11
N VAL A 791 -5.35 4.12 19.50
CA VAL A 791 -4.96 3.21 20.58
C VAL A 791 -5.73 3.42 21.90
N PRO A 792 -5.74 4.64 22.44
CA PRO A 792 -6.41 4.84 23.72
C PRO A 792 -7.92 4.56 23.67
N HIS A 793 -8.51 4.66 22.48
CA HIS A 793 -9.96 4.48 22.35
C HIS A 793 -10.35 3.08 21.87
N PHE A 794 -9.60 2.55 20.91
CA PHE A 794 -9.87 1.20 20.43
C PHE A 794 -9.57 0.18 21.53
N HIS A 795 -8.51 0.42 22.27
CA HIS A 795 -8.09 -0.48 23.36
C HIS A 795 -8.57 0.01 24.72
N ALA A 796 -9.64 0.79 24.74
CA ALA A 796 -10.23 1.24 25.99
C ALA A 796 -10.54 0.04 26.89
N GLU A 797 -10.31 0.20 28.18
CA GLU A 797 -10.40 -0.90 29.13
C GLU A 797 -11.82 -1.48 29.21
N ASP A 798 -12.82 -0.61 29.10
CA ASP A 798 -14.21 -1.05 29.23
C ASP A 798 -14.67 -1.84 28.00
N GLY A 799 -13.85 -1.83 26.95
CA GLY A 799 -14.11 -2.63 25.77
C GLY A 799 -15.01 -1.98 24.74
N SER A 800 -15.36 -0.71 24.96
CA SER A 800 -16.27 0.00 24.08
C SER A 800 -15.72 0.11 22.66
N GLY A 801 -14.41 0.24 22.53
CA GLY A 801 -13.78 0.32 21.23
C GLY A 801 -13.89 -0.99 20.47
N TYR A 802 -13.68 -2.09 21.17
CA TYR A 802 -13.80 -3.42 20.59
C TYR A 802 -15.22 -3.68 20.09
N ARG A 803 -16.20 -3.35 20.94
CA ARG A 803 -17.60 -3.60 20.60
C ARG A 803 -18.03 -2.76 19.42
N PHE A 804 -17.59 -1.51 19.39
CA PHE A 804 -17.96 -0.59 18.30
C PHE A 804 -17.44 -1.11 16.96
N ILE A 805 -16.15 -1.44 16.92
CA ILE A 805 -15.52 -1.90 15.69
C ILE A 805 -16.08 -3.23 15.23
N ALA A 806 -16.35 -4.13 16.18
CA ALA A 806 -16.94 -5.42 15.85
C ALA A 806 -18.32 -5.23 15.22
N ASP A 807 -19.09 -4.28 15.76
CA ASP A 807 -20.40 -3.96 15.21
C ASP A 807 -20.29 -3.49 13.75
N LYS A 808 -19.26 -2.69 13.47
CA LYS A 808 -19.11 -2.14 12.12
C LYS A 808 -18.57 -3.18 11.15
N VAL A 809 -17.74 -4.11 11.62
CA VAL A 809 -17.32 -5.23 10.79
C VAL A 809 -18.54 -6.03 10.36
N ILE A 810 -19.42 -6.34 11.32
CA ILE A 810 -20.65 -7.05 11.04
C ILE A 810 -21.53 -6.28 10.07
N GLU A 811 -21.65 -4.97 10.31
CA GLU A 811 -22.50 -4.11 9.51
C GLU A 811 -21.98 -3.96 8.08
N ILE A 812 -20.69 -3.65 7.95
CA ILE A 812 -20.08 -3.44 6.65
C ILE A 812 -20.01 -4.72 5.82
N ASP A 813 -19.82 -5.85 6.48
CA ASP A 813 -19.66 -7.12 5.79
C ASP A 813 -20.93 -7.53 5.04
N ARG A 814 -22.05 -6.91 5.39
CA ARG A 814 -23.31 -7.21 4.74
C ARG A 814 -23.36 -6.72 3.29
N PHE A 815 -22.45 -5.82 2.92
CA PHE A 815 -22.43 -5.26 1.56
C PHE A 815 -21.04 -5.12 0.95
N ASN A 816 -20.00 -5.12 1.78
CA ASN A 816 -18.62 -5.02 1.29
C ASN A 816 -17.63 -5.77 2.16
N PRO A 817 -17.53 -7.10 1.96
CA PRO A 817 -16.62 -7.98 2.69
C PRO A 817 -15.15 -7.54 2.69
N GLN A 818 -14.71 -6.84 1.64
CA GLN A 818 -13.32 -6.43 1.53
C GLN A 818 -12.95 -5.36 2.53
N VAL A 819 -13.83 -4.38 2.68
CA VAL A 819 -13.63 -3.32 3.67
C VAL A 819 -13.73 -3.92 5.08
N ALA A 820 -14.68 -4.83 5.25
CA ALA A 820 -14.90 -5.50 6.53
C ALA A 820 -13.71 -6.38 6.91
N ALA A 821 -13.18 -7.10 5.93
CA ALA A 821 -12.07 -8.01 6.18
C ALA A 821 -10.79 -7.24 6.53
N ARG A 822 -10.64 -6.06 5.93
CA ARG A 822 -9.53 -5.18 6.28
C ARG A 822 -9.69 -4.67 7.71
N LEU A 823 -10.90 -4.25 8.04
CA LEU A 823 -11.18 -3.61 9.32
C LEU A 823 -11.04 -4.59 10.49
N VAL A 824 -11.46 -5.84 10.29
CA VAL A 824 -11.45 -6.81 11.38
C VAL A 824 -10.03 -7.18 11.79
N GLN A 825 -9.05 -6.78 10.98
CA GLN A 825 -7.65 -7.06 11.30
C GLN A 825 -7.12 -6.09 12.36
N ALA A 826 -7.95 -5.13 12.78
CA ALA A 826 -7.64 -4.31 13.93
C ALA A 826 -7.54 -5.18 15.17
N PHE A 827 -8.14 -6.37 15.12
CA PHE A 827 -8.11 -7.31 16.23
C PHE A 827 -6.91 -8.26 16.19
N ASN A 828 -6.00 -8.06 15.23
CA ASN A 828 -4.89 -8.99 15.04
C ASN A 828 -3.99 -9.17 16.25
N LEU A 829 -3.98 -8.17 17.13
CA LEU A 829 -3.12 -8.20 18.30
C LEU A 829 -3.70 -9.05 19.44
N CYS A 830 -4.89 -9.61 19.18
CA CYS A 830 -5.66 -10.35 20.18
C CYS A 830 -4.85 -11.19 21.16
N ASN A 831 -4.14 -12.18 20.65
CA ASN A 831 -3.47 -13.16 21.52
C ASN A 831 -2.23 -12.63 22.23
N LYS A 832 -1.81 -11.42 21.88
CA LYS A 832 -0.66 -10.79 22.52
C LYS A 832 -1.08 -9.79 23.61
N LEU A 833 -2.38 -9.62 23.80
CA LEU A 833 -2.90 -8.67 24.78
C LEU A 833 -2.91 -9.26 26.18
N GLU A 834 -2.88 -8.38 27.19
CA GLU A 834 -3.06 -8.80 28.57
C GLU A 834 -4.46 -9.39 28.73
N PRO A 835 -4.66 -10.25 29.75
CA PRO A 835 -5.84 -11.13 29.82
C PRO A 835 -7.19 -10.41 29.69
N HIS A 836 -7.35 -9.25 30.31
CA HIS A 836 -8.63 -8.58 30.31
C HIS A 836 -9.07 -8.17 28.90
N ARG A 837 -8.19 -7.46 28.19
CA ARG A 837 -8.48 -7.02 26.84
C ARG A 837 -8.59 -8.19 25.88
N LYS A 838 -7.72 -9.19 26.06
CA LYS A 838 -7.73 -10.37 25.20
C LYS A 838 -9.09 -11.07 25.28
N ASN A 839 -9.62 -11.18 26.48
CA ASN A 839 -10.93 -11.77 26.69
C ASN A 839 -12.00 -11.05 25.89
N LEU A 840 -12.01 -9.72 25.99
CA LEU A 840 -13.00 -8.91 25.31
C LEU A 840 -12.86 -9.00 23.78
N VAL A 841 -11.64 -9.02 23.29
CA VAL A 841 -11.40 -9.14 21.86
C VAL A 841 -11.89 -10.49 21.33
N LYS A 842 -11.67 -11.55 22.10
CA LYS A 842 -12.14 -12.88 21.72
C LYS A 842 -13.66 -12.89 21.67
N GLN A 843 -14.31 -12.28 22.67
CA GLN A 843 -15.76 -12.15 22.68
C GLN A 843 -16.26 -11.47 21.42
N ALA A 844 -15.62 -10.36 21.07
CA ALA A 844 -15.96 -9.61 19.87
C ALA A 844 -15.81 -10.47 18.62
N LEU A 845 -14.70 -11.19 18.54
CA LEU A 845 -14.44 -12.05 17.39
C LEU A 845 -15.40 -13.23 17.34
N GLN A 846 -15.76 -13.78 18.50
CA GLN A 846 -16.75 -14.84 18.55
C GLN A 846 -18.09 -14.34 18.00
N ARG A 847 -18.42 -13.10 18.35
CA ARG A 847 -19.69 -12.51 17.94
C ARG A 847 -19.74 -12.24 16.44
N ILE A 848 -18.62 -11.81 15.87
CA ILE A 848 -18.52 -11.63 14.43
C ILE A 848 -18.67 -12.98 13.74
N ARG A 849 -18.04 -13.98 14.32
CA ARG A 849 -18.07 -15.34 13.77
C ARG A 849 -19.48 -15.94 13.80
N ALA A 850 -20.28 -15.52 14.77
CA ALA A 850 -21.61 -16.09 14.96
C ALA A 850 -22.62 -15.56 13.95
N GLN A 851 -22.21 -14.57 13.16
CA GLN A 851 -23.11 -13.97 12.17
C GLN A 851 -23.45 -14.94 11.05
N GLU A 852 -24.74 -15.12 10.80
CA GLU A 852 -25.20 -15.88 9.65
C GLU A 852 -24.81 -15.15 8.37
N GLY A 853 -24.31 -15.90 7.39
CA GLY A 853 -23.94 -15.34 6.11
C GLY A 853 -22.68 -14.50 6.17
N LEU A 854 -21.86 -14.70 7.22
CA LEU A 854 -20.58 -14.02 7.33
C LEU A 854 -19.74 -14.35 6.10
N SER A 855 -19.14 -13.33 5.50
CA SER A 855 -18.37 -13.50 4.28
C SER A 855 -17.19 -14.45 4.46
N LYS A 856 -16.73 -15.00 3.34
CA LYS A 856 -15.54 -15.83 3.35
C LYS A 856 -14.33 -14.97 3.70
N ASP A 857 -14.36 -13.71 3.27
CA ASP A 857 -13.27 -12.78 3.52
C ASP A 857 -12.99 -12.64 5.01
N VAL A 858 -14.01 -12.22 5.77
CA VAL A 858 -13.85 -11.98 7.20
C VAL A 858 -13.65 -13.29 7.95
N GLY A 859 -14.38 -14.32 7.53
CA GLY A 859 -14.29 -15.62 8.17
C GLY A 859 -12.87 -16.15 8.18
N GLU A 860 -12.16 -15.98 7.07
CA GLU A 860 -10.79 -16.44 6.98
C GLU A 860 -9.94 -15.75 8.04
N ILE A 861 -10.06 -14.43 8.15
CA ILE A 861 -9.25 -13.66 9.08
C ILE A 861 -9.55 -14.04 10.52
N VAL A 862 -10.84 -14.07 10.88
CA VAL A 862 -11.26 -14.41 12.24
C VAL A 862 -10.73 -15.80 12.61
N GLY A 863 -10.68 -16.69 11.62
CA GLY A 863 -10.13 -18.00 11.83
C GLY A 863 -8.67 -17.96 12.25
N LYS A 864 -7.88 -17.13 11.57
CA LYS A 864 -6.45 -17.03 11.85
C LYS A 864 -6.22 -16.57 13.29
N ILE A 865 -7.08 -15.66 13.75
CA ILE A 865 -6.90 -15.04 15.07
C ILE A 865 -7.38 -15.96 16.19
N LEU A 866 -8.58 -16.53 16.01
CA LEU A 866 -9.19 -17.36 17.05
C LEU A 866 -8.66 -18.77 17.09
N ASP A 867 -8.56 -19.42 15.93
CA ASP A 867 -8.22 -20.83 15.86
C ASP A 867 -6.71 -21.04 15.75
#